data_4GOO
#
_entry.id   4GOO
#
_cell.length_a   161.460
_cell.length_b   161.460
_cell.length_c   95.214
_cell.angle_alpha   90.00
_cell.angle_beta   90.00
_cell.angle_gamma   120.00
#
_symmetry.space_group_name_H-M   'P 31 2 1'
#
loop_
_entity.id
_entity.type
_entity.pdbx_description
1 polymer 'DNA adenine methylase'
2 non-polymer "5'-{[(3S)-3-amino-3-carboxypropyl][2-(1-benzothiophen-3-yl)ethyl]amino}-5'-deoxyadenosine"
3 water water
#
_entity_poly.entity_id   1
_entity_poly.type   'polypeptide(L)'
_entity_poly.pdbx_seq_one_letter_code
;MKKNRAFLKWAGGKYPLLDDIKRHLPKGECLVEPFVGAGSVFLNTDFSRYILADINSDLISLYNIVKMRTDEYVQAAREL
FVPETNCAEVYYQFREEFNKSQDPFRRAVLFLYLNRYGYNGLCRYNLRGEFNVPFGRYKKPYFPEAELYHFAEKAQNAFF
YCESYADSMARADDASVVYCDPPYAPLSATANFTAYHTNSFTLEQQAHLAEIAEGLVERHIPVLISNHDTMLTREWYQRA
KLHVVKVRRSISSNGGTRKKVDELLALYKPGVVSPAKK
;
_entity_poly.pdbx_strand_id   D,E,F
#
loop_
_chem_comp.id
_chem_comp.type
_chem_comp.name
_chem_comp.formula
0Y2 non-polymer 5'-{[(3S)-3-amino-3-carboxypropyl][2-(1-benzothiophen-3-yl)ethyl]amino}-5'-deoxyadenosine 'C24 H29 N7 O5 S'
#
# COMPACT_ATOMS: atom_id res chain seq x y z
N LYS A 3 -1.33 34.07 9.94
CA LYS A 3 -1.46 33.01 8.87
C LYS A 3 -2.65 33.32 8.03
N ASN A 4 -2.46 34.05 6.93
CA ASN A 4 -3.55 34.37 6.03
C ASN A 4 -4.03 33.10 5.33
N ARG A 5 -5.33 32.76 5.39
CA ARG A 5 -5.85 31.58 4.68
C ARG A 5 -6.09 31.82 3.17
N ALA A 6 -6.08 30.72 2.42
CA ALA A 6 -6.30 30.72 0.96
C ALA A 6 -7.80 30.60 0.62
N PHE A 7 -8.33 31.34 -0.34
CA PHE A 7 -9.75 31.13 -0.62
C PHE A 7 -10.14 29.70 -1.06
N LEU A 8 -9.16 28.95 -1.57
CA LEU A 8 -9.37 27.60 -2.03
C LEU A 8 -9.00 26.58 -1.02
N LYS A 9 -9.75 25.51 -0.93
CA LYS A 9 -9.26 24.26 -0.28
C LYS A 9 -8.28 23.45 -1.15
N TRP A 10 -7.32 22.80 -0.49
CA TRP A 10 -6.37 21.79 -1.11
C TRP A 10 -6.10 20.33 -0.49
N ALA A 11 -6.67 19.93 0.67
CA ALA A 11 -7.83 20.57 1.34
C ALA A 11 -7.49 21.87 2.14
N GLY A 12 -6.22 22.29 2.10
CA GLY A 12 -5.73 23.51 2.79
C GLY A 12 -5.15 23.23 4.19
N GLY A 13 -4.28 22.22 4.31
CA GLY A 13 -3.78 21.41 3.19
C GLY A 13 -2.37 20.80 3.29
N LYS A 14 -1.42 21.45 4.01
CA LYS A 14 -1.74 22.50 5.02
C LYS A 14 -0.72 23.67 5.23
N TYR A 15 -0.96 24.36 6.34
CA TYR A 15 -0.13 25.44 6.81
C TYR A 15 0.94 24.93 7.83
N PRO A 16 1.24 23.59 7.87
CA PRO A 16 2.52 23.24 8.49
C PRO A 16 3.62 23.61 7.50
N LEU A 17 4.87 23.65 7.93
CA LEU A 17 5.95 23.93 6.99
C LEU A 17 6.08 25.41 6.76
N LEU A 18 4.97 26.14 6.79
CA LEU A 18 5.05 27.56 6.52
C LEU A 18 6.14 28.28 7.32
N ASP A 19 6.21 28.07 8.62
CA ASP A 19 7.26 28.70 9.40
C ASP A 19 8.60 28.30 8.83
N ASP A 20 8.76 26.99 8.62
CA ASP A 20 10.04 26.42 8.14
C ASP A 20 10.48 26.89 6.72
N ILE A 21 9.51 27.08 5.84
CA ILE A 21 9.75 27.57 4.52
C ILE A 21 10.29 28.99 4.63
N LYS A 22 9.60 29.82 5.40
CA LYS A 22 10.09 31.17 5.68
C LYS A 22 11.42 31.21 6.46
N ARG A 23 11.68 30.28 7.41
CA ARG A 23 13.06 30.16 7.97
C ARG A 23 14.08 30.17 6.83
N HIS A 24 13.96 29.21 5.91
CA HIS A 24 14.99 29.02 4.92
C HIS A 24 14.85 29.74 3.58
N LEU A 25 13.71 30.42 3.36
CA LEU A 25 13.51 31.14 2.11
C LEU A 25 14.32 32.41 2.04
N PRO A 26 15.26 32.51 1.10
CA PRO A 26 16.14 33.69 1.08
C PRO A 26 15.50 34.95 0.50
N LYS A 27 15.89 36.11 1.03
CA LYS A 27 15.30 37.42 0.66
C LYS A 27 15.61 37.81 -0.83
N GLY A 28 14.84 38.75 -1.40
CA GLY A 28 15.01 39.15 -2.80
C GLY A 28 13.86 40.05 -3.25
N GLU A 29 13.81 40.43 -4.52
CA GLU A 29 12.72 41.30 -4.97
C GLU A 29 11.48 40.52 -5.39
N CYS A 30 11.71 39.38 -6.02
CA CYS A 30 10.67 38.73 -6.77
C CYS A 30 10.66 37.27 -6.40
N LEU A 31 9.47 36.75 -6.10
CA LEU A 31 9.40 35.34 -5.80
C LEU A 31 8.70 34.61 -6.92
N VAL A 32 9.30 33.52 -7.40
CA VAL A 32 8.84 32.77 -8.59
C VAL A 32 8.34 31.40 -8.13
N GLU A 33 7.05 31.11 -8.31
CA GLU A 33 6.48 29.85 -7.84
C GLU A 33 5.95 29.01 -9.00
N PRO A 34 6.60 27.89 -9.25
CA PRO A 34 6.26 27.15 -10.45
C PRO A 34 5.09 26.18 -10.22
N PHE A 35 4.73 26.03 -8.94
CA PHE A 35 3.55 25.29 -8.57
C PHE A 35 2.68 26.11 -7.62
N VAL A 36 2.00 27.16 -8.03
CA VAL A 36 1.27 27.92 -6.98
C VAL A 36 0.30 27.13 -6.13
N GLY A 37 -0.45 26.24 -6.72
CA GLY A 37 -1.51 25.59 -5.99
C GLY A 37 -2.30 26.69 -5.32
N ALA A 38 -2.61 26.48 -4.03
CA ALA A 38 -3.58 27.38 -3.43
C ALA A 38 -3.06 28.76 -3.12
N GLY A 39 -1.77 28.98 -3.18
CA GLY A 39 -1.23 30.31 -3.03
C GLY A 39 -0.66 30.61 -1.62
N SER A 40 -0.71 29.62 -0.77
CA SER A 40 -0.36 29.76 0.57
C SER A 40 0.97 30.48 0.84
N VAL A 41 2.01 30.21 0.09
CA VAL A 41 3.30 30.84 0.36
C VAL A 41 3.25 32.29 -0.06
N PHE A 42 2.69 32.54 -1.25
CA PHE A 42 2.48 33.88 -1.81
C PHE A 42 1.70 34.78 -0.86
N LEU A 43 0.58 34.24 -0.33
CA LEU A 43 -0.24 34.91 0.66
C LEU A 43 0.45 35.19 2.00
N ASN A 44 1.59 34.55 2.25
CA ASN A 44 2.21 34.68 3.58
C ASN A 44 3.63 35.23 3.56
N THR A 45 3.92 35.99 2.51
CA THR A 45 5.26 36.51 2.30
C THR A 45 5.15 37.93 1.86
N ASP A 46 6.27 38.65 1.90
CA ASP A 46 6.23 40.06 1.52
C ASP A 46 7.20 40.48 0.41
N PHE A 47 7.17 39.77 -0.71
CA PHE A 47 8.02 40.21 -1.81
C PHE A 47 7.41 41.42 -2.45
N SER A 48 8.22 42.18 -3.12
CA SER A 48 7.71 43.28 -3.87
C SER A 48 6.89 42.83 -5.11
N ARG A 49 7.09 41.59 -5.53
CA ARG A 49 6.75 41.20 -6.89
C ARG A 49 6.76 39.68 -6.92
N TYR A 50 5.85 39.10 -7.71
CA TYR A 50 5.61 37.66 -7.74
C TYR A 50 5.37 37.16 -9.17
N ILE A 51 6.15 36.15 -9.57
CA ILE A 51 5.72 35.30 -10.68
C ILE A 51 5.15 33.94 -10.23
N LEU A 52 3.86 33.70 -10.55
CA LEU A 52 3.16 32.47 -10.11
C LEU A 52 2.58 31.65 -11.31
N ALA A 53 2.95 30.36 -11.39
CA ALA A 53 2.59 29.60 -12.58
C ALA A 53 2.08 28.26 -12.16
N ASP A 54 1.37 27.57 -13.07
CA ASP A 54 0.84 26.21 -12.77
C ASP A 54 0.26 25.57 -14.08
N ILE A 55 0.21 24.25 -14.25
CA ILE A 55 -0.33 23.71 -15.51
C ILE A 55 -1.81 23.73 -15.67
N ASN A 56 -2.51 23.86 -14.56
CA ASN A 56 -3.92 23.78 -14.51
C ASN A 56 -4.56 25.10 -14.96
N SER A 57 -5.21 25.10 -16.12
CA SER A 57 -5.53 26.36 -16.66
C SER A 57 -6.76 26.96 -15.95
N ASP A 58 -7.65 26.11 -15.44
CA ASP A 58 -8.78 26.56 -14.65
C ASP A 58 -8.37 27.48 -13.44
N LEU A 59 -7.31 27.08 -12.70
CA LEU A 59 -6.71 27.86 -11.65
C LEU A 59 -6.16 29.20 -12.10
N ILE A 60 -5.36 29.23 -13.14
CA ILE A 60 -4.76 30.49 -13.59
C ILE A 60 -5.80 31.47 -14.05
N SER A 61 -6.75 30.93 -14.80
CA SER A 61 -7.84 31.71 -15.30
C SER A 61 -8.65 32.30 -14.11
N LEU A 62 -9.11 31.49 -13.17
CA LEU A 62 -9.68 32.01 -11.86
C LEU A 62 -8.79 33.15 -11.32
N TYR A 63 -7.51 32.86 -11.12
CA TYR A 63 -6.65 33.83 -10.51
C TYR A 63 -6.58 35.19 -11.25
N ASN A 64 -6.68 35.20 -12.59
CA ASN A 64 -6.45 36.43 -13.29
C ASN A 64 -7.74 37.16 -13.15
N ILE A 65 -8.84 36.43 -13.16
CA ILE A 65 -10.16 37.05 -13.03
C ILE A 65 -10.36 37.74 -11.65
N VAL A 66 -10.05 37.01 -10.55
CA VAL A 66 -10.01 37.53 -9.21
C VAL A 66 -9.09 38.74 -9.19
N LYS A 67 -7.94 38.69 -9.84
CA LYS A 67 -7.11 39.91 -9.93
C LYS A 67 -7.73 41.10 -10.74
N MET A 68 -8.44 40.86 -11.84
CA MET A 68 -8.74 41.97 -12.75
C MET A 68 -10.16 42.42 -12.58
N ARG A 69 -11.01 41.54 -12.05
CA ARG A 69 -12.45 41.84 -11.99
C ARG A 69 -13.01 41.53 -10.63
N THR A 70 -12.21 41.83 -9.60
CA THR A 70 -12.56 41.48 -8.20
C THR A 70 -14.04 41.63 -7.80
N ASP A 71 -14.59 42.86 -7.78
CA ASP A 71 -15.99 43.01 -7.31
C ASP A 71 -16.98 42.22 -8.15
N GLU A 72 -16.92 42.35 -9.47
CA GLU A 72 -17.82 41.58 -10.30
C GLU A 72 -17.67 40.06 -10.01
N TYR A 73 -16.44 39.60 -9.86
CA TYR A 73 -16.26 38.20 -9.43
C TYR A 73 -16.92 37.87 -8.10
N VAL A 74 -16.65 38.68 -7.06
CA VAL A 74 -17.15 38.33 -5.71
C VAL A 74 -18.65 38.24 -5.67
N GLN A 75 -19.32 39.20 -6.27
CA GLN A 75 -20.76 39.16 -6.31
C GLN A 75 -21.38 37.96 -7.01
N ALA A 76 -20.97 37.66 -8.25
CA ALA A 76 -21.45 36.43 -8.99
C ALA A 76 -21.17 35.11 -8.23
N ALA A 77 -19.98 35.02 -7.64
CA ALA A 77 -19.66 33.84 -6.81
C ALA A 77 -20.55 33.74 -5.62
N ARG A 78 -20.99 34.88 -5.06
CA ARG A 78 -21.61 34.82 -3.72
C ARG A 78 -22.95 34.21 -3.85
N GLU A 79 -23.58 34.44 -5.01
CA GLU A 79 -24.95 33.99 -5.29
C GLU A 79 -25.07 32.52 -5.19
N LEU A 80 -24.00 31.81 -5.43
CA LEU A 80 -24.34 30.44 -5.47
C LEU A 80 -23.81 29.71 -4.23
N PHE A 81 -23.70 30.52 -3.14
CA PHE A 81 -23.50 29.99 -1.79
C PHE A 81 -24.79 30.15 -0.97
N VAL A 82 -25.90 30.45 -1.62
CA VAL A 82 -27.16 30.62 -0.91
C VAL A 82 -27.58 29.23 -0.49
N PRO A 83 -28.54 29.08 0.42
CA PRO A 83 -28.75 27.66 0.84
C PRO A 83 -29.51 26.74 -0.19
N GLU A 84 -30.27 27.33 -1.12
CA GLU A 84 -30.96 26.53 -2.14
C GLU A 84 -30.00 25.65 -2.99
N THR A 85 -28.70 25.97 -3.02
CA THR A 85 -27.76 25.27 -3.85
C THR A 85 -27.02 24.18 -3.16
N ASN A 86 -27.39 23.88 -1.90
CA ASN A 86 -26.63 22.87 -1.11
C ASN A 86 -27.35 21.51 -1.05
N CYS A 87 -27.47 20.83 -2.19
CA CYS A 87 -27.94 19.44 -2.23
C CYS A 87 -27.32 18.77 -3.46
N ALA A 88 -27.24 17.42 -3.41
CA ALA A 88 -26.71 16.63 -4.54
C ALA A 88 -27.34 17.08 -5.90
N GLU A 89 -28.66 17.27 -5.94
CA GLU A 89 -29.28 17.66 -7.20
C GLU A 89 -28.67 18.90 -7.85
N VAL A 90 -28.30 19.89 -7.04
CA VAL A 90 -27.74 21.14 -7.62
C VAL A 90 -26.25 20.94 -7.99
N TYR A 91 -25.49 20.38 -7.07
CA TYR A 91 -24.07 20.12 -7.33
C TYR A 91 -23.83 19.50 -8.71
N TYR A 92 -24.56 18.40 -8.99
CA TYR A 92 -24.39 17.67 -10.26
C TYR A 92 -24.80 18.49 -11.44
N GLN A 93 -25.86 19.32 -11.31
CA GLN A 93 -26.29 20.17 -12.38
C GLN A 93 -25.19 21.18 -12.65
N PHE A 94 -24.55 21.67 -11.57
CA PHE A 94 -23.51 22.75 -11.71
C PHE A 94 -22.21 22.15 -12.26
N ARG A 95 -21.88 20.92 -11.84
CA ARG A 95 -20.73 20.18 -12.44
C ARG A 95 -20.85 20.06 -14.01
N GLU A 96 -22.04 19.66 -14.44
CA GLU A 96 -22.28 19.48 -15.81
C GLU A 96 -22.18 20.83 -16.54
N GLU A 97 -22.88 21.87 -16.04
CA GLU A 97 -22.76 23.16 -16.62
C GLU A 97 -21.30 23.59 -16.77
N PHE A 98 -20.49 23.40 -15.71
CA PHE A 98 -19.11 23.78 -15.75
C PHE A 98 -18.32 23.02 -16.84
N ASN A 99 -18.53 21.70 -16.90
CA ASN A 99 -17.85 20.89 -17.89
C ASN A 99 -18.33 21.31 -19.33
N LYS A 100 -19.45 22.00 -19.48
CA LYS A 100 -19.93 22.33 -20.83
C LYS A 100 -19.81 23.78 -21.19
N SER A 101 -19.41 24.59 -20.21
CA SER A 101 -19.30 26.00 -20.45
C SER A 101 -18.07 26.27 -21.29
N GLN A 102 -18.21 27.21 -22.20
CA GLN A 102 -17.02 27.78 -22.83
C GLN A 102 -16.72 29.23 -22.35
N ASP A 103 -17.46 29.73 -21.39
CA ASP A 103 -17.18 31.12 -21.00
C ASP A 103 -16.23 31.15 -19.73
N PRO A 104 -15.01 31.70 -19.85
CA PRO A 104 -14.04 31.66 -18.74
C PRO A 104 -14.57 32.21 -17.43
N PHE A 105 -15.27 33.34 -17.48
CA PHE A 105 -15.92 33.95 -16.30
C PHE A 105 -16.90 33.07 -15.55
N ARG A 106 -17.87 32.53 -16.27
CA ARG A 106 -18.83 31.66 -15.65
C ARG A 106 -18.11 30.47 -15.02
N ARG A 107 -17.21 29.84 -15.80
CA ARG A 107 -16.39 28.72 -15.32
C ARG A 107 -15.66 29.06 -13.99
N ALA A 108 -15.03 30.23 -13.89
CA ALA A 108 -14.36 30.58 -12.63
C ALA A 108 -15.33 30.66 -11.36
N VAL A 109 -16.55 31.18 -11.58
CA VAL A 109 -17.59 31.16 -10.59
C VAL A 109 -17.90 29.75 -10.24
N LEU A 110 -18.30 28.93 -11.18
CA LEU A 110 -18.59 27.52 -10.85
C LEU A 110 -17.39 26.79 -10.23
N PHE A 111 -16.18 26.99 -10.76
CA PHE A 111 -14.99 26.39 -10.14
C PHE A 111 -14.97 26.56 -8.61
N LEU A 112 -15.21 27.79 -8.14
CA LEU A 112 -15.28 28.10 -6.70
C LEU A 112 -16.26 27.28 -5.90
N TYR A 113 -17.48 27.24 -6.40
CA TYR A 113 -18.50 26.47 -5.77
C TYR A 113 -18.07 25.01 -5.64
N LEU A 114 -17.39 24.43 -6.65
CA LEU A 114 -17.00 23.01 -6.64
C LEU A 114 -15.83 22.80 -5.70
N ASN A 115 -14.89 23.74 -5.72
CA ASN A 115 -13.88 23.63 -4.71
C ASN A 115 -14.48 23.52 -3.30
N ARG A 116 -15.59 24.22 -3.04
CA ARG A 116 -16.13 24.31 -1.67
C ARG A 116 -17.22 23.34 -1.32
N TYR A 117 -17.91 22.82 -2.32
CA TYR A 117 -18.95 21.84 -2.03
C TYR A 117 -18.58 20.39 -2.36
N GLY A 118 -17.39 20.17 -2.90
CA GLY A 118 -17.03 18.87 -3.41
C GLY A 118 -16.17 18.09 -2.45
N TYR A 119 -16.23 16.78 -2.58
CA TYR A 119 -15.57 15.86 -1.67
C TYR A 119 -14.11 16.17 -1.34
N ASN A 120 -13.89 16.63 -0.12
CA ASN A 120 -12.56 16.95 0.38
C ASN A 120 -11.87 18.01 -0.44
N GLY A 121 -12.58 18.89 -1.08
CA GLY A 121 -11.93 20.00 -1.84
C GLY A 121 -10.98 19.57 -2.95
N LEU A 122 -11.04 18.32 -3.31
CA LEU A 122 -10.25 17.76 -4.38
C LEU A 122 -10.51 18.44 -5.76
N CYS A 123 -9.50 18.50 -6.59
CA CYS A 123 -9.61 19.00 -7.97
C CYS A 123 -9.12 17.86 -8.94
N ARG A 124 -10.06 17.26 -9.64
CA ARG A 124 -9.75 16.08 -10.40
C ARG A 124 -10.53 15.90 -11.72
N TYR A 125 -9.82 15.45 -12.75
CA TYR A 125 -10.45 15.30 -14.10
C TYR A 125 -10.42 13.85 -14.56
N ASN A 126 -11.47 13.41 -15.21
CA ASN A 126 -11.38 12.06 -15.80
C ASN A 126 -10.54 12.04 -17.14
N LEU A 127 -10.66 10.94 -17.91
CA LEU A 127 -9.85 10.82 -19.13
C LEU A 127 -10.39 11.69 -20.26
N ARG A 128 -11.65 12.07 -20.21
CA ARG A 128 -12.11 13.04 -21.16
C ARG A 128 -11.82 14.42 -20.67
N GLY A 129 -11.01 14.55 -19.62
CA GLY A 129 -10.69 15.89 -19.07
C GLY A 129 -11.86 16.67 -18.42
N GLU A 130 -12.97 16.00 -18.06
CA GLU A 130 -14.01 16.58 -17.26
C GLU A 130 -13.69 16.52 -15.74
N PHE A 131 -14.06 17.61 -15.05
CA PHE A 131 -13.93 17.73 -13.59
C PHE A 131 -14.90 16.69 -13.09
N ASN A 132 -14.41 15.77 -12.28
CA ASN A 132 -15.19 14.57 -11.95
C ASN A 132 -15.27 14.20 -10.41
N VAL A 133 -15.10 15.21 -9.57
CA VAL A 133 -15.22 15.00 -8.14
C VAL A 133 -16.71 14.95 -7.80
N PRO A 134 -17.14 14.00 -6.94
CA PRO A 134 -18.55 13.92 -6.45
C PRO A 134 -18.90 14.96 -5.35
N PHE A 135 -20.17 15.02 -4.95
CA PHE A 135 -20.65 15.83 -3.82
C PHE A 135 -20.02 15.47 -2.47
N GLY A 136 -19.56 16.49 -1.70
CA GLY A 136 -19.04 16.29 -0.34
C GLY A 136 -20.08 16.16 0.77
N ARG A 137 -21.34 16.46 0.50
CA ARG A 137 -22.36 16.53 1.60
C ARG A 137 -21.91 17.41 2.84
N TYR A 138 -21.29 18.54 2.55
CA TYR A 138 -20.81 19.43 3.61
C TYR A 138 -21.90 20.11 4.46
N LYS A 139 -21.62 20.19 5.75
CA LYS A 139 -22.50 20.83 6.76
C LYS A 139 -23.00 22.22 6.38
N LYS A 140 -22.10 23.17 6.22
CA LYS A 140 -22.45 24.57 6.06
C LYS A 140 -21.30 25.21 5.29
N PRO A 141 -21.37 25.21 3.97
CA PRO A 141 -20.10 25.80 3.58
C PRO A 141 -19.99 27.28 3.90
N TYR A 142 -18.78 27.74 3.66
CA TYR A 142 -18.30 29.00 4.09
C TYR A 142 -17.88 29.76 2.81
N PHE A 143 -18.50 30.89 2.54
CA PHE A 143 -18.07 31.70 1.40
C PHE A 143 -16.81 32.47 1.82
N PRO A 144 -15.69 32.35 1.07
CA PRO A 144 -14.45 33.03 1.52
C PRO A 144 -14.30 34.46 1.02
N GLU A 145 -15.30 35.29 1.36
CA GLU A 145 -15.28 36.70 0.97
C GLU A 145 -14.01 37.46 1.38
N ALA A 146 -13.54 37.29 2.61
CA ALA A 146 -12.34 38.04 3.03
C ALA A 146 -11.07 37.59 2.27
N GLU A 147 -10.82 36.27 2.25
CA GLU A 147 -9.75 35.65 1.47
C GLU A 147 -9.73 36.09 -0.04
N LEU A 148 -10.88 35.99 -0.72
CA LEU A 148 -10.97 36.58 -2.02
C LEU A 148 -10.37 37.98 -2.09
N TYR A 149 -10.89 38.93 -1.29
CA TYR A 149 -10.38 40.32 -1.34
C TYR A 149 -8.91 40.36 -0.98
N HIS A 150 -8.53 39.71 0.10
CA HIS A 150 -7.15 39.69 0.49
C HIS A 150 -6.22 39.22 -0.63
N PHE A 151 -6.59 38.13 -1.31
CA PHE A 151 -5.88 37.60 -2.52
C PHE A 151 -5.75 38.64 -3.63
N ALA A 152 -6.81 39.39 -3.86
CA ALA A 152 -6.80 40.33 -5.01
C ALA A 152 -5.97 41.59 -4.72
N GLU A 153 -5.87 41.98 -3.45
CA GLU A 153 -4.99 43.10 -3.11
C GLU A 153 -3.59 42.60 -3.38
N LYS A 154 -3.20 41.55 -2.69
CA LYS A 154 -1.91 40.96 -2.98
C LYS A 154 -1.60 40.66 -4.52
N ALA A 155 -2.60 40.26 -5.30
CA ALA A 155 -2.38 39.90 -6.70
C ALA A 155 -1.92 41.04 -7.56
N GLN A 156 -1.99 42.27 -7.03
CA GLN A 156 -1.65 43.49 -7.79
C GLN A 156 -0.13 43.55 -8.03
N ASN A 157 0.61 42.70 -7.36
CA ASN A 157 2.04 42.58 -7.64
C ASN A 157 2.35 41.19 -8.12
N ALA A 158 1.38 40.55 -8.74
CA ALA A 158 1.55 39.20 -9.16
C ALA A 158 1.21 39.11 -10.65
N PHE A 159 2.07 38.40 -11.41
CA PHE A 159 1.67 37.86 -12.71
C PHE A 159 1.43 36.36 -12.63
N PHE A 160 0.40 35.88 -13.32
CA PHE A 160 0.05 34.46 -13.37
C PHE A 160 0.15 33.88 -14.76
N TYR A 161 0.83 32.74 -14.90
CA TYR A 161 0.99 32.07 -16.19
C TYR A 161 0.56 30.61 -16.16
N CYS A 162 -0.07 30.15 -17.25
CA CYS A 162 -0.33 28.71 -17.37
C CYS A 162 0.77 28.08 -18.24
N GLU A 163 1.77 27.47 -17.58
CA GLU A 163 3.06 27.04 -18.12
C GLU A 163 3.48 25.89 -17.23
N SER A 164 4.37 24.99 -17.67
CA SER A 164 5.01 24.04 -16.78
C SER A 164 6.35 24.52 -16.13
N TYR A 165 6.90 23.74 -15.20
CA TYR A 165 7.96 24.26 -14.35
C TYR A 165 9.12 24.78 -15.14
N ALA A 166 9.54 24.11 -16.24
CA ALA A 166 10.71 24.58 -16.96
C ALA A 166 10.50 25.97 -17.50
N ASP A 167 9.37 26.22 -18.19
CA ASP A 167 9.04 27.59 -18.64
C ASP A 167 8.90 28.67 -17.51
N SER A 168 8.30 28.36 -16.36
CA SER A 168 8.13 29.45 -15.34
C SER A 168 9.49 29.70 -14.71
N MET A 169 10.22 28.60 -14.60
CA MET A 169 11.53 28.68 -14.02
C MET A 169 12.43 29.48 -14.88
N ALA A 170 12.17 29.55 -16.20
CA ALA A 170 13.07 30.29 -17.09
C ALA A 170 12.90 31.78 -16.98
N ARG A 171 11.92 32.26 -16.22
CA ARG A 171 11.75 33.72 -16.09
C ARG A 171 12.54 34.36 -14.98
N ALA A 172 13.12 33.59 -14.06
CA ALA A 172 13.92 34.19 -12.96
C ALA A 172 15.16 34.93 -13.47
N ASP A 173 15.51 36.03 -12.80
CA ASP A 173 16.76 36.75 -13.06
C ASP A 173 17.49 36.96 -11.70
N ASP A 174 18.58 37.72 -11.67
CA ASP A 174 19.41 37.88 -10.42
C ASP A 174 18.62 38.38 -9.18
N ALA A 175 17.77 39.40 -9.37
CA ALA A 175 16.74 39.82 -8.38
C ALA A 175 15.69 38.78 -7.89
N SER A 176 15.48 37.67 -8.59
CA SER A 176 14.49 36.64 -8.20
C SER A 176 14.95 35.60 -7.17
N VAL A 177 14.00 35.02 -6.45
CA VAL A 177 14.15 33.80 -5.66
C VAL A 177 13.08 32.78 -6.10
N VAL A 178 13.34 31.50 -5.86
CA VAL A 178 12.49 30.50 -6.51
C VAL A 178 12.03 29.47 -5.51
N TYR A 179 10.70 29.32 -5.37
CA TYR A 179 10.17 28.39 -4.41
C TYR A 179 9.33 27.28 -5.03
N CYS A 180 9.80 26.04 -4.85
CA CYS A 180 9.23 24.91 -5.59
C CYS A 180 8.42 23.91 -4.80
N ASP A 181 7.15 23.70 -5.19
CA ASP A 181 6.30 22.77 -4.44
C ASP A 181 5.75 21.67 -5.32
N PRO A 182 6.62 20.83 -5.93
CA PRO A 182 6.19 19.86 -6.90
C PRO A 182 5.23 18.89 -6.27
N PRO A 183 4.47 18.09 -7.08
CA PRO A 183 3.70 16.97 -6.49
C PRO A 183 4.64 16.01 -5.82
N TYR A 184 4.21 15.45 -4.70
CA TYR A 184 5.11 14.68 -3.81
C TYR A 184 5.73 13.44 -4.43
N ALA A 185 7.02 13.21 -4.20
CA ALA A 185 7.68 11.92 -4.51
C ALA A 185 6.88 10.78 -3.88
N PRO A 186 6.91 9.56 -4.49
CA PRO A 186 6.16 8.40 -3.88
C PRO A 186 6.72 7.87 -2.54
N LEU A 187 5.83 7.37 -1.66
CA LEU A 187 6.27 6.71 -0.41
C LEU A 187 6.10 5.21 -0.54
N ASN A 199 -1.44 11.42 -17.47
CA ASN A 199 -1.24 10.92 -16.11
C ASN A 199 -0.87 12.02 -15.12
N SER A 200 0.15 11.71 -14.31
CA SER A 200 0.63 12.55 -13.23
C SER A 200 2.06 13.06 -13.50
N PHE A 201 2.78 13.39 -12.43
CA PHE A 201 4.09 14.03 -12.48
C PHE A 201 5.03 12.88 -12.25
N THR A 202 5.96 12.66 -13.19
CA THR A 202 6.78 11.43 -13.23
C THR A 202 8.07 11.61 -12.48
N LEU A 203 8.81 10.53 -12.26
CA LEU A 203 10.12 10.68 -11.66
C LEU A 203 11.12 11.35 -12.55
N GLU A 204 10.98 11.17 -13.85
CA GLU A 204 11.88 11.83 -14.77
C GLU A 204 11.71 13.33 -14.61
N GLN A 205 10.49 13.77 -14.35
CA GLN A 205 10.26 15.22 -14.24
C GLN A 205 10.79 15.75 -12.93
N GLN A 206 10.68 14.86 -11.95
CA GLN A 206 11.00 15.07 -10.58
C GLN A 206 12.52 15.30 -10.55
N ALA A 207 13.28 14.46 -11.24
CA ALA A 207 14.73 14.67 -11.31
C ALA A 207 15.08 15.82 -12.20
N HIS A 208 14.29 16.01 -13.22
CA HIS A 208 14.56 17.16 -14.08
C HIS A 208 14.51 18.51 -13.31
N LEU A 209 13.53 18.69 -12.41
CA LEU A 209 13.39 19.90 -11.60
C LEU A 209 14.65 20.31 -10.84
N ALA A 210 15.19 19.39 -10.02
CA ALA A 210 16.61 19.41 -9.59
C ALA A 210 17.65 19.95 -10.57
N GLU A 211 17.79 19.35 -11.73
CA GLU A 211 18.83 19.88 -12.63
C GLU A 211 18.57 21.34 -12.85
N ILE A 212 17.32 21.69 -13.17
CA ILE A 212 17.03 23.11 -13.44
C ILE A 212 17.55 24.00 -12.28
N ALA A 213 17.16 23.65 -11.06
CA ALA A 213 17.69 24.21 -9.81
C ALA A 213 19.20 24.41 -9.75
N GLU A 214 19.97 23.34 -10.02
CA GLU A 214 21.45 23.42 -10.25
C GLU A 214 21.86 24.40 -11.34
N GLY A 215 21.11 24.43 -12.43
CA GLY A 215 21.39 25.39 -13.47
C GLY A 215 21.21 26.80 -12.97
N LEU A 216 20.08 27.09 -12.31
CA LEU A 216 19.84 28.41 -11.72
C LEU A 216 20.83 28.87 -10.61
N VAL A 217 21.09 28.04 -9.60
CA VAL A 217 22.04 28.46 -8.54
C VAL A 217 23.46 28.81 -9.05
N GLU A 218 23.85 28.23 -10.19
CA GLU A 218 25.16 28.52 -10.72
C GLU A 218 25.12 29.90 -11.33
N ARG A 219 23.92 30.32 -11.74
CA ARG A 219 23.72 31.63 -12.35
C ARG A 219 23.42 32.66 -11.24
N HIS A 220 23.61 32.26 -9.99
CA HIS A 220 23.51 33.14 -8.83
C HIS A 220 22.06 33.39 -8.32
N ILE A 221 21.12 32.55 -8.76
CA ILE A 221 19.73 32.66 -8.37
C ILE A 221 19.34 31.57 -7.32
N PRO A 222 18.92 31.95 -6.11
CA PRO A 222 18.59 30.89 -5.12
C PRO A 222 17.27 30.11 -5.41
N VAL A 223 17.20 28.87 -4.92
CA VAL A 223 16.08 28.03 -5.21
C VAL A 223 15.86 27.26 -3.97
N LEU A 224 14.62 27.16 -3.49
CA LEU A 224 14.23 26.24 -2.42
C LEU A 224 13.11 25.28 -2.84
N ILE A 225 13.31 24.00 -2.51
CA ILE A 225 12.38 22.92 -2.86
C ILE A 225 11.89 22.13 -1.65
N SER A 226 10.61 21.78 -1.69
CA SER A 226 9.98 21.11 -0.61
C SER A 226 9.48 19.74 -1.11
N ASN A 227 9.66 18.69 -0.32
CA ASN A 227 9.22 17.36 -0.71
C ASN A 227 9.32 16.42 0.52
N HIS A 228 8.68 15.26 0.49
CA HIS A 228 8.92 14.18 1.49
C HIS A 228 10.39 13.88 1.59
N ASP A 229 10.75 13.31 2.72
CA ASP A 229 12.14 12.87 2.91
C ASP A 229 12.23 11.41 2.55
N THR A 230 12.94 11.09 1.48
CA THR A 230 13.07 9.68 1.04
C THR A 230 14.40 9.45 0.39
N MET A 231 14.64 8.20 0.04
CA MET A 231 15.83 7.86 -0.77
C MET A 231 15.94 8.64 -2.08
N LEU A 232 14.84 8.65 -2.84
CA LEU A 232 14.86 9.29 -4.14
C LEU A 232 15.16 10.79 -4.03
N THR A 233 14.51 11.42 -3.06
CA THR A 233 14.62 12.87 -2.96
C THR A 233 16.01 13.31 -2.54
N ARG A 234 16.68 12.53 -1.72
CA ARG A 234 18.03 12.87 -1.26
C ARG A 234 19.01 12.71 -2.39
N GLU A 235 18.80 11.66 -3.19
CA GLU A 235 19.50 11.51 -4.51
C GLU A 235 19.32 12.72 -5.41
N TRP A 236 18.07 12.99 -5.77
CA TRP A 236 17.75 14.19 -6.55
C TRP A 236 18.31 15.47 -5.99
N TYR A 237 18.14 15.69 -4.69
CA TYR A 237 18.54 16.99 -4.15
C TYR A 237 19.96 17.07 -3.63
N GLN A 238 20.77 16.07 -3.98
CA GLN A 238 22.10 15.85 -3.40
C GLN A 238 23.09 17.02 -3.39
N ARG A 239 22.91 18.01 -4.27
CA ARG A 239 23.88 19.10 -4.31
C ARG A 239 23.34 20.31 -3.56
N ALA A 240 22.51 20.07 -2.56
CA ALA A 240 21.82 21.14 -1.88
C ALA A 240 21.95 20.94 -0.38
N LYS A 241 21.85 22.05 0.36
CA LYS A 241 21.75 22.02 1.83
C LYS A 241 20.38 21.43 2.26
N LEU A 242 20.40 20.35 3.03
CA LEU A 242 19.16 19.69 3.39
C LEU A 242 18.74 19.81 4.84
N HIS A 243 17.53 20.32 5.10
CA HIS A 243 17.01 20.34 6.45
C HIS A 243 15.81 19.41 6.56
N VAL A 244 15.81 18.47 7.51
CA VAL A 244 14.61 17.66 7.81
C VAL A 244 13.67 18.33 8.83
N VAL A 245 12.37 18.10 8.66
CA VAL A 245 11.38 18.74 9.47
C VAL A 245 10.28 17.69 9.70
N LYS A 246 9.65 17.70 10.88
CA LYS A 246 8.45 16.87 11.12
C LYS A 246 7.17 17.72 11.35
N VAL A 261 5.12 10.92 7.90
CA VAL A 261 6.48 10.93 7.33
C VAL A 261 7.11 12.34 7.39
N ASP A 262 8.44 12.39 7.43
CA ASP A 262 9.22 13.64 7.51
C ASP A 262 9.20 14.39 6.18
N GLU A 263 9.33 15.72 6.27
CA GLU A 263 9.41 16.53 5.07
C GLU A 263 10.83 16.98 4.92
N LEU A 264 11.20 17.45 3.72
CA LEU A 264 12.55 17.87 3.44
C LEU A 264 12.52 19.17 2.73
N LEU A 265 13.49 20.01 3.06
CA LEU A 265 13.63 21.32 2.46
C LEU A 265 15.03 21.47 1.84
N ALA A 266 15.09 21.43 0.51
CA ALA A 266 16.38 21.49 -0.12
C ALA A 266 16.67 22.91 -0.50
N LEU A 267 17.79 23.42 0.00
CA LEU A 267 18.16 24.77 -0.29
C LEU A 267 19.43 24.88 -1.12
N TYR A 268 19.30 25.66 -2.19
CA TYR A 268 20.35 25.88 -3.14
C TYR A 268 20.78 27.34 -3.05
N LYS A 269 21.75 27.61 -2.15
CA LYS A 269 22.26 28.97 -1.83
C LYS A 269 23.47 29.30 -2.69
N PRO A 270 23.49 30.48 -3.36
CA PRO A 270 24.80 30.84 -3.94
C PRO A 270 25.68 31.60 -2.95
N LYS B 3 26.42 -12.10 22.79
CA LYS B 3 25.61 -11.62 21.61
C LYS B 3 26.40 -10.72 20.61
N ASN B 4 27.24 -11.31 19.75
CA ASN B 4 28.15 -10.58 18.83
C ASN B 4 27.48 -9.92 17.62
N ARG B 5 27.81 -8.66 17.36
CA ARG B 5 27.21 -7.93 16.26
C ARG B 5 28.01 -8.03 14.94
N ALA B 6 27.33 -7.85 13.80
CA ALA B 6 27.97 -7.89 12.49
C ALA B 6 28.67 -6.58 12.18
N PHE B 7 29.78 -6.64 11.46
CA PHE B 7 30.43 -5.39 11.06
C PHE B 7 29.64 -4.50 10.04
N LEU B 8 28.70 -5.09 9.31
CA LEU B 8 27.84 -4.34 8.38
C LEU B 8 26.49 -4.02 9.00
N LYS B 9 25.95 -2.81 8.83
CA LYS B 9 24.53 -2.52 9.23
C LYS B 9 23.47 -3.37 8.51
N TRP B 10 22.76 -4.24 9.25
CA TRP B 10 21.89 -5.34 8.69
C TRP B 10 20.74 -4.83 7.77
N ALA B 11 20.00 -5.79 7.18
CA ALA B 11 18.80 -5.53 6.31
C ALA B 11 17.87 -4.35 6.71
N GLY B 12 16.91 -4.63 7.61
CA GLY B 12 16.20 -3.61 8.39
C GLY B 12 16.89 -3.64 9.75
N GLY B 13 16.11 -3.68 10.82
CA GLY B 13 16.65 -4.03 12.15
C GLY B 13 16.32 -5.49 12.50
N LYS B 14 17.31 -6.40 12.42
CA LYS B 14 17.11 -7.82 12.87
C LYS B 14 17.85 -8.28 14.18
N TYR B 15 18.22 -9.57 14.21
CA TYR B 15 18.92 -10.25 15.33
C TYR B 15 18.17 -10.26 16.72
N PRO B 16 16.83 -9.97 16.74
CA PRO B 16 16.02 -10.39 17.90
C PRO B 16 15.50 -11.80 17.69
N LEU B 17 15.63 -12.29 16.45
CA LEU B 17 15.15 -13.59 16.09
C LEU B 17 16.16 -14.66 16.42
N LEU B 18 17.41 -14.24 16.60
CA LEU B 18 18.51 -15.16 16.92
C LEU B 18 18.21 -16.25 17.95
N ASP B 19 17.49 -15.87 19.00
CA ASP B 19 17.09 -16.82 20.02
C ASP B 19 16.15 -17.92 19.51
N ASP B 20 15.23 -17.55 18.64
CA ASP B 20 14.32 -18.52 18.11
C ASP B 20 14.99 -19.38 17.03
N ILE B 21 15.83 -18.74 16.24
CA ILE B 21 16.71 -19.45 15.32
C ILE B 21 17.55 -20.47 16.06
N LYS B 22 18.31 -20.04 17.07
CA LYS B 22 19.17 -21.00 17.78
C LYS B 22 18.34 -22.03 18.50
N ARG B 23 17.18 -21.64 19.03
CA ARG B 23 16.20 -22.59 19.55
C ARG B 23 15.89 -23.70 18.57
N HIS B 24 15.56 -23.34 17.34
CA HIS B 24 15.05 -24.33 16.41
C HIS B 24 16.09 -24.92 15.42
N LEU B 25 17.33 -24.38 15.43
CA LEU B 25 18.39 -24.81 14.54
C LEU B 25 18.96 -26.15 14.97
N PRO B 26 18.79 -27.23 14.19
CA PRO B 26 19.42 -28.50 14.59
C PRO B 26 20.96 -28.52 14.66
N LYS B 27 21.49 -29.57 15.28
CA LYS B 27 22.93 -29.77 15.44
C LYS B 27 23.54 -30.55 14.30
N GLY B 28 24.80 -30.25 14.00
CA GLY B 28 25.64 -31.08 13.13
C GLY B 28 26.95 -30.33 12.99
N GLU B 29 27.89 -30.85 12.20
CA GLU B 29 29.21 -30.21 12.00
C GLU B 29 29.31 -28.94 11.13
N CYS B 30 28.49 -28.83 10.09
CA CYS B 30 28.64 -27.74 9.10
C CYS B 30 27.36 -26.98 9.04
N LEU B 31 27.46 -25.67 9.00
CA LEU B 31 26.26 -24.93 8.76
C LEU B 31 26.33 -24.26 7.35
N VAL B 32 25.39 -24.61 6.43
CA VAL B 32 25.30 -23.99 5.06
C VAL B 32 24.33 -22.84 5.10
N GLU B 33 24.69 -21.72 4.54
CA GLU B 33 23.85 -20.53 4.62
C GLU B 33 23.79 -19.89 3.21
N PRO B 34 22.75 -20.21 2.41
CA PRO B 34 22.60 -19.73 1.00
C PRO B 34 22.36 -18.24 0.87
N PHE B 35 21.97 -17.59 1.97
CA PHE B 35 21.63 -16.18 1.98
C PHE B 35 22.33 -15.56 3.18
N VAL B 36 23.69 -15.47 3.17
CA VAL B 36 24.47 -15.11 4.40
C VAL B 36 24.18 -13.71 4.85
N GLY B 37 24.12 -12.78 3.91
CA GLY B 37 24.05 -11.37 4.22
C GLY B 37 25.11 -10.93 5.24
N ALA B 38 24.69 -10.07 6.16
CA ALA B 38 25.60 -9.45 7.09
C ALA B 38 26.27 -10.49 8.01
N GLY B 39 25.70 -11.69 8.08
CA GLY B 39 26.39 -12.79 8.72
C GLY B 39 26.05 -13.17 10.14
N SER B 40 24.97 -12.64 10.69
CA SER B 40 24.78 -12.73 12.12
C SER B 40 24.50 -14.12 12.66
N VAL B 41 23.84 -14.99 11.90
CA VAL B 41 23.60 -16.33 12.44
C VAL B 41 24.99 -16.96 12.56
N PHE B 42 25.76 -16.88 11.46
CA PHE B 42 27.16 -17.33 11.41
C PHE B 42 28.01 -16.83 12.61
N LEU B 43 27.79 -15.58 13.01
CA LEU B 43 28.55 -14.86 14.01
C LEU B 43 28.20 -15.23 15.45
N ASN B 44 26.98 -15.76 15.64
CA ASN B 44 26.42 -16.04 16.92
C ASN B 44 26.05 -17.48 17.00
N THR B 45 26.77 -18.29 16.25
CA THR B 45 26.54 -19.73 16.28
C THR B 45 27.89 -20.49 16.31
N ASP B 46 27.88 -21.80 16.56
CA ASP B 46 29.16 -22.50 16.78
C ASP B 46 29.37 -23.84 16.03
N PHE B 47 29.31 -23.80 14.72
CA PHE B 47 29.49 -25.07 14.05
C PHE B 47 30.98 -25.14 13.81
N SER B 48 31.55 -26.31 13.56
CA SER B 48 32.98 -26.37 13.29
C SER B 48 33.37 -25.82 11.91
N ARG B 49 32.45 -25.89 10.96
CA ARG B 49 32.67 -25.22 9.68
C ARG B 49 31.38 -24.62 9.13
N TYR B 50 31.56 -23.76 8.16
CA TYR B 50 30.48 -23.03 7.56
C TYR B 50 30.73 -23.07 6.04
N ILE B 51 29.64 -23.12 5.28
CA ILE B 51 29.63 -22.77 3.87
C ILE B 51 28.67 -21.62 3.75
N LEU B 52 29.18 -20.49 3.28
CA LEU B 52 28.46 -19.25 3.33
C LEU B 52 28.37 -18.64 1.93
N ALA B 53 27.15 -18.36 1.50
CA ALA B 53 26.92 -18.06 0.11
C ALA B 53 26.03 -16.89 0.01
N ASP B 54 26.14 -16.22 -1.13
CA ASP B 54 25.27 -15.06 -1.41
C ASP B 54 25.39 -14.65 -2.89
N ILE B 55 24.43 -13.92 -3.41
CA ILE B 55 24.44 -13.73 -4.86
C ILE B 55 25.12 -12.43 -5.19
N ASN B 56 25.24 -11.55 -4.18
CA ASN B 56 25.89 -10.24 -4.33
C ASN B 56 27.43 -10.42 -4.33
N SER B 57 28.09 -10.05 -5.40
CA SER B 57 29.45 -10.43 -5.38
C SER B 57 30.29 -9.29 -4.74
N ASP B 58 29.71 -8.14 -4.46
CA ASP B 58 30.44 -7.12 -3.68
C ASP B 58 30.72 -7.70 -2.23
N LEU B 59 29.66 -8.19 -1.64
CA LEU B 59 29.63 -8.92 -0.43
C LEU B 59 30.66 -10.02 -0.27
N ILE B 60 30.65 -10.99 -1.18
CA ILE B 60 31.48 -12.17 -1.09
C ILE B 60 32.95 -11.74 -1.27
N SER B 61 33.18 -10.74 -2.11
CA SER B 61 34.52 -10.25 -2.30
C SER B 61 35.04 -9.66 -0.97
N LEU B 62 34.34 -8.63 -0.46
CA LEU B 62 34.58 -8.07 0.87
C LEU B 62 34.93 -9.19 1.90
N TYR B 63 34.17 -10.29 1.93
CA TYR B 63 34.31 -11.19 3.02
C TYR B 63 35.60 -11.96 2.79
N ASN B 64 35.91 -12.27 1.54
CA ASN B 64 37.12 -13.00 1.23
C ASN B 64 38.38 -12.17 1.59
N ILE B 65 38.25 -10.84 1.48
CA ILE B 65 39.32 -9.90 1.82
C ILE B 65 39.38 -9.63 3.34
N VAL B 66 38.23 -9.58 4.02
CA VAL B 66 38.33 -9.53 5.46
C VAL B 66 39.03 -10.81 5.97
N LYS B 67 38.78 -11.96 5.33
CA LYS B 67 39.30 -13.23 5.86
C LYS B 67 40.80 -13.43 5.61
N MET B 68 41.30 -12.93 4.48
CA MET B 68 42.60 -13.34 3.97
C MET B 68 43.59 -12.19 4.04
N ARG B 69 43.08 -10.98 4.01
CA ARG B 69 43.95 -9.87 4.14
C ARG B 69 43.62 -9.05 5.36
N THR B 70 43.42 -9.70 6.50
CA THR B 70 42.83 -8.95 7.57
C THR B 70 43.51 -7.67 8.09
N ASP B 71 44.78 -7.70 8.48
CA ASP B 71 45.40 -6.45 8.98
C ASP B 71 45.51 -5.34 7.96
N GLU B 72 45.87 -5.69 6.75
CA GLU B 72 45.99 -4.65 5.71
C GLU B 72 44.60 -3.99 5.45
N TYR B 73 43.51 -4.76 5.48
CA TYR B 73 42.18 -4.24 5.26
C TYR B 73 41.87 -3.33 6.43
N VAL B 74 41.82 -3.87 7.66
CA VAL B 74 41.42 -3.04 8.81
C VAL B 74 42.17 -1.70 8.83
N GLN B 75 43.49 -1.72 8.65
CA GLN B 75 44.26 -0.50 8.70
C GLN B 75 43.70 0.45 7.66
N ALA B 76 43.79 0.10 6.38
CA ALA B 76 43.27 0.95 5.29
C ALA B 76 41.84 1.49 5.47
N ALA B 77 40.93 0.68 6.02
CA ALA B 77 39.56 1.14 6.18
C ALA B 77 39.45 2.22 7.23
N ARG B 78 40.18 2.07 8.34
CA ARG B 78 40.06 2.97 9.50
C ARG B 78 40.30 4.41 9.12
N GLU B 79 41.06 4.59 8.04
CA GLU B 79 41.47 5.87 7.54
C GLU B 79 40.31 6.72 7.12
N LEU B 80 39.26 6.05 6.65
CA LEU B 80 38.16 6.66 5.94
C LEU B 80 37.11 7.07 6.95
N PHE B 81 37.26 6.55 8.17
CA PHE B 81 36.29 6.84 9.19
C PHE B 81 36.71 8.00 10.05
N VAL B 82 36.94 9.14 9.42
CA VAL B 82 37.31 10.32 10.15
C VAL B 82 36.18 11.36 10.12
N PRO B 83 36.43 12.56 10.67
CA PRO B 83 35.43 13.62 10.54
C PRO B 83 35.38 14.27 9.15
N GLU B 84 36.53 14.47 8.52
CA GLU B 84 36.62 15.06 7.16
C GLU B 84 35.65 14.43 6.16
N THR B 85 35.35 13.16 6.33
CA THR B 85 34.65 12.37 5.31
C THR B 85 33.17 12.26 5.62
N ASN B 86 32.75 12.87 6.70
CA ASN B 86 31.35 12.85 7.06
C ASN B 86 30.61 14.04 6.50
N CYS B 87 30.57 14.19 5.16
CA CYS B 87 29.74 15.18 4.46
C CYS B 87 29.41 14.78 3.01
N ALA B 88 28.28 15.22 2.52
CA ALA B 88 27.83 14.89 1.18
C ALA B 88 28.95 14.95 0.14
N GLU B 89 29.60 16.11 0.06
CA GLU B 89 30.64 16.38 -0.94
C GLU B 89 31.55 15.16 -1.12
N VAL B 90 32.14 14.71 0.00
CA VAL B 90 32.99 13.55 0.01
C VAL B 90 32.24 12.25 -0.18
N TYR B 91 31.18 12.00 0.59
CA TYR B 91 30.33 10.83 0.34
C TYR B 91 30.07 10.58 -1.17
N TYR B 92 29.65 11.60 -1.92
CA TYR B 92 29.39 11.43 -3.35
C TYR B 92 30.65 11.14 -4.15
N GLN B 93 31.78 11.70 -3.73
CA GLN B 93 33.02 11.54 -4.46
C GLN B 93 33.49 10.08 -4.39
N PHE B 94 33.33 9.49 -3.20
CA PHE B 94 33.78 8.15 -2.83
C PHE B 94 32.88 7.11 -3.50
N ARG B 95 31.61 7.47 -3.70
CA ARG B 95 30.65 6.57 -4.29
C ARG B 95 30.99 6.46 -5.76
N GLU B 96 31.50 7.53 -6.35
CA GLU B 96 31.77 7.50 -7.74
C GLU B 96 33.03 6.70 -7.93
N GLU B 97 34.08 6.97 -7.13
CA GLU B 97 35.25 6.13 -7.14
C GLU B 97 34.83 4.66 -7.10
N PHE B 98 34.04 4.28 -6.11
CA PHE B 98 33.71 2.89 -5.98
C PHE B 98 33.15 2.39 -7.33
N ASN B 99 32.13 3.06 -7.85
CA ASN B 99 31.50 2.60 -9.09
C ASN B 99 32.43 2.54 -10.32
N LYS B 100 33.47 3.37 -10.31
CA LYS B 100 34.44 3.40 -11.39
C LYS B 100 35.63 2.47 -11.20
N SER B 101 35.89 2.02 -9.98
CA SER B 101 37.09 1.26 -9.71
C SER B 101 37.09 -0.15 -10.27
N GLN B 102 38.29 -0.70 -10.51
CA GLN B 102 38.47 -2.14 -10.86
C GLN B 102 39.32 -2.93 -9.85
N ASP B 103 39.74 -2.23 -8.81
CA ASP B 103 40.54 -2.79 -7.74
C ASP B 103 39.65 -3.46 -6.72
N PRO B 104 39.61 -4.81 -6.72
CA PRO B 104 38.85 -5.51 -5.67
C PRO B 104 39.19 -5.06 -4.24
N PHE B 105 40.46 -4.84 -3.88
CA PHE B 105 40.83 -4.31 -2.54
C PHE B 105 40.20 -2.93 -2.15
N ARG B 106 40.51 -1.91 -2.93
CA ARG B 106 39.96 -0.58 -2.77
C ARG B 106 38.42 -0.58 -2.79
N ARG B 107 37.78 -1.30 -3.74
CA ARG B 107 36.31 -1.48 -3.62
C ARG B 107 35.84 -1.96 -2.21
N ALA B 108 36.52 -2.95 -1.63
CA ALA B 108 36.13 -3.54 -0.33
C ALA B 108 36.16 -2.50 0.77
N VAL B 109 37.19 -1.68 0.71
CA VAL B 109 37.32 -0.50 1.49
C VAL B 109 36.15 0.47 1.29
N LEU B 110 36.05 1.18 0.20
CA LEU B 110 34.89 2.05 0.01
C LEU B 110 33.55 1.40 0.37
N PHE B 111 33.32 0.16 -0.05
CA PHE B 111 32.09 -0.50 0.28
C PHE B 111 31.70 -0.29 1.76
N LEU B 112 32.62 -0.60 2.70
CA LEU B 112 32.28 -0.47 4.16
C LEU B 112 31.91 1.00 4.50
N TYR B 113 32.70 1.94 4.00
CA TYR B 113 32.38 3.33 4.25
C TYR B 113 30.92 3.58 3.80
N LEU B 114 30.62 3.31 2.51
CA LEU B 114 29.25 3.41 1.97
C LEU B 114 28.21 2.67 2.84
N ASN B 115 28.47 1.46 3.28
CA ASN B 115 27.46 0.91 4.18
C ASN B 115 27.34 1.66 5.54
N ARG B 116 28.40 2.34 5.99
CA ARG B 116 28.29 3.02 7.29
C ARG B 116 27.76 4.44 7.22
N TYR B 117 28.22 5.20 6.23
CA TYR B 117 27.79 6.58 6.01
C TYR B 117 26.54 6.75 5.10
N GLY B 118 25.95 5.65 4.67
CA GLY B 118 24.89 5.74 3.70
C GLY B 118 23.49 5.59 4.27
N TYR B 119 22.53 6.13 3.52
CA TYR B 119 21.13 6.11 3.89
C TYR B 119 20.71 4.72 4.33
N ASN B 120 20.20 4.66 5.55
CA ASN B 120 19.73 3.46 6.23
C ASN B 120 20.61 2.28 6.05
N GLY B 121 21.91 2.50 5.85
CA GLY B 121 22.86 1.38 5.54
C GLY B 121 22.28 0.40 4.52
N LEU B 122 21.73 0.94 3.45
CA LEU B 122 21.09 0.13 2.44
C LEU B 122 22.19 -0.28 1.38
N CYS B 123 22.03 -1.44 0.76
CA CYS B 123 22.85 -1.83 -0.42
C CYS B 123 21.97 -1.95 -1.66
N ARG B 124 22.03 -1.01 -2.58
CA ARG B 124 21.17 -1.09 -3.77
C ARG B 124 21.88 -0.68 -5.04
N TYR B 125 21.50 -1.33 -6.12
CA TYR B 125 22.07 -0.92 -7.40
C TYR B 125 21.05 -0.32 -8.40
N ASN B 126 21.43 0.67 -9.20
CA ASN B 126 20.54 1.08 -10.32
C ASN B 126 20.56 0.07 -11.51
N LEU B 127 19.82 0.36 -12.58
CA LEU B 127 19.83 -0.54 -13.76
C LEU B 127 21.19 -0.68 -14.45
N ARG B 128 22.07 0.30 -14.31
CA ARG B 128 23.38 0.18 -14.87
C ARG B 128 24.35 -0.65 -14.05
N GLY B 129 23.85 -1.29 -12.98
CA GLY B 129 24.69 -1.92 -12.00
C GLY B 129 25.52 -1.01 -11.06
N GLU B 130 25.27 0.28 -10.98
CA GLU B 130 26.03 1.14 -10.04
C GLU B 130 25.37 1.36 -8.68
N PHE B 131 26.22 1.44 -7.64
CA PHE B 131 25.82 1.62 -6.22
C PHE B 131 25.25 2.98 -6.11
N ASN B 132 24.07 2.95 -5.52
CA ASN B 132 22.88 3.80 -5.77
C ASN B 132 22.35 4.58 -4.54
N VAL B 133 22.71 4.10 -3.35
CA VAL B 133 22.32 4.75 -2.07
C VAL B 133 22.85 6.19 -1.84
N PRO B 134 21.97 7.15 -1.49
CA PRO B 134 22.41 8.54 -1.10
C PRO B 134 23.07 8.64 0.29
N PHE B 135 23.67 9.80 0.55
CA PHE B 135 24.30 10.15 1.84
C PHE B 135 23.28 10.03 2.97
N GLY B 136 23.69 9.46 4.11
CA GLY B 136 22.75 9.18 5.21
C GLY B 136 22.64 10.21 6.32
N ARG B 137 23.49 11.25 6.31
CA ARG B 137 23.48 12.35 7.30
C ARG B 137 23.58 11.93 8.80
N TYR B 138 24.46 10.98 9.14
CA TYR B 138 24.50 10.45 10.51
C TYR B 138 25.35 11.27 11.44
N LYS B 139 24.90 11.37 12.69
CA LYS B 139 25.61 12.07 13.82
C LYS B 139 27.14 11.88 13.76
N LYS B 140 27.60 10.67 14.06
CA LYS B 140 28.97 10.22 13.76
C LYS B 140 28.98 8.70 13.70
N PRO B 141 29.39 8.13 12.55
CA PRO B 141 29.38 6.68 12.32
C PRO B 141 30.49 5.98 13.04
N TYR B 142 30.21 4.75 13.43
CA TYR B 142 31.11 3.92 14.18
C TYR B 142 31.88 2.96 13.27
N PHE B 143 33.20 2.97 13.44
CA PHE B 143 34.07 2.06 12.72
C PHE B 143 34.11 0.75 13.48
N PRO B 144 33.62 -0.37 12.89
CA PRO B 144 33.46 -1.65 13.59
C PRO B 144 34.74 -2.48 13.66
N GLU B 145 35.72 -2.01 14.44
CA GLU B 145 37.04 -2.65 14.57
C GLU B 145 37.01 -4.01 15.22
N ALA B 146 36.37 -4.11 16.37
CA ALA B 146 36.35 -5.39 17.06
C ALA B 146 35.64 -6.40 16.15
N GLU B 147 34.49 -6.00 15.57
CA GLU B 147 33.64 -6.96 14.85
C GLU B 147 34.28 -7.45 13.53
N LEU B 148 35.00 -6.52 12.88
CA LEU B 148 35.87 -6.92 11.81
C LEU B 148 36.82 -8.05 12.21
N TYR B 149 37.56 -7.91 13.32
CA TYR B 149 38.39 -9.03 13.79
C TYR B 149 37.63 -10.22 14.16
N HIS B 150 36.46 -10.07 14.76
CA HIS B 150 35.73 -11.25 15.21
C HIS B 150 35.40 -12.09 13.98
N PHE B 151 34.78 -11.44 13.01
CA PHE B 151 34.51 -11.99 11.66
C PHE B 151 35.72 -12.73 11.14
N ALA B 152 36.87 -12.03 11.10
CA ALA B 152 38.04 -12.64 10.50
C ALA B 152 38.46 -13.91 11.22
N GLU B 153 38.33 -13.94 12.55
CA GLU B 153 38.77 -15.09 13.32
C GLU B 153 37.76 -16.17 13.06
N LYS B 154 36.49 -15.82 13.09
CA LYS B 154 35.48 -16.82 12.81
C LYS B 154 35.49 -17.36 11.35
N ALA B 155 35.91 -16.52 10.40
CA ALA B 155 36.03 -16.93 9.00
C ALA B 155 37.06 -18.03 8.70
N GLN B 156 37.91 -18.35 9.68
CA GLN B 156 38.98 -19.30 9.40
C GLN B 156 38.43 -20.69 9.20
N ASN B 157 37.24 -20.93 9.76
CA ASN B 157 36.50 -22.19 9.45
C ASN B 157 35.38 -22.03 8.43
N ALA B 158 35.47 -21.02 7.57
CA ALA B 158 34.41 -20.73 6.62
C ALA B 158 34.87 -20.81 5.15
N PHE B 159 33.99 -21.25 4.26
CA PHE B 159 34.19 -20.80 2.82
C PHE B 159 33.09 -19.89 2.30
N PHE B 160 33.49 -18.83 1.60
CA PHE B 160 32.53 -17.96 0.94
C PHE B 160 32.31 -18.28 -0.55
N TYR B 161 31.06 -18.43 -1.00
CA TYR B 161 30.78 -18.56 -2.45
C TYR B 161 29.86 -17.52 -2.98
N CYS B 162 30.03 -17.11 -4.24
CA CYS B 162 29.11 -16.17 -4.83
C CYS B 162 28.36 -16.93 -5.91
N GLU B 163 27.14 -17.31 -5.61
CA GLU B 163 26.34 -18.23 -6.37
C GLU B 163 24.95 -18.16 -5.76
N SER B 164 24.05 -19.01 -6.25
CA SER B 164 22.62 -18.91 -6.02
C SER B 164 22.08 -20.02 -5.16
N TYR B 165 20.95 -19.76 -4.50
CA TYR B 165 20.50 -20.66 -3.45
C TYR B 165 20.55 -22.10 -3.93
N ALA B 166 20.23 -22.33 -5.20
CA ALA B 166 20.18 -23.72 -5.69
C ALA B 166 21.54 -24.32 -5.64
N ASP B 167 22.55 -23.68 -6.24
CA ASP B 167 23.95 -24.21 -6.12
C ASP B 167 24.51 -24.36 -4.68
N SER B 168 24.31 -23.36 -3.84
CA SER B 168 24.88 -23.42 -2.48
C SER B 168 24.20 -24.56 -1.74
N MET B 169 22.89 -24.67 -1.92
CA MET B 169 22.18 -25.76 -1.25
C MET B 169 22.65 -27.14 -1.65
N ALA B 170 23.27 -27.30 -2.81
CA ALA B 170 23.68 -28.64 -3.19
C ALA B 170 25.08 -28.96 -2.67
N ARG B 171 25.75 -28.00 -2.07
CA ARG B 171 26.96 -28.38 -1.44
C ARG B 171 26.66 -29.19 -0.18
N ALA B 172 25.52 -28.98 0.47
CA ALA B 172 25.19 -29.66 1.74
C ALA B 172 25.33 -31.16 1.65
N ASP B 173 25.63 -31.82 2.77
CA ASP B 173 25.75 -33.28 2.85
C ASP B 173 25.30 -33.89 4.20
N ASP B 174 25.68 -35.17 4.40
CA ASP B 174 25.31 -35.94 5.60
C ASP B 174 25.46 -35.23 6.92
N ALA B 175 26.62 -34.62 7.13
CA ALA B 175 26.86 -33.85 8.32
C ALA B 175 26.49 -32.35 8.22
N SER B 176 25.70 -31.94 7.21
CA SER B 176 25.37 -30.51 7.06
C SER B 176 24.05 -30.11 7.71
N VAL B 177 23.83 -28.82 7.89
CA VAL B 177 22.53 -28.32 8.31
C VAL B 177 22.30 -27.02 7.58
N VAL B 178 21.10 -26.81 7.02
CA VAL B 178 20.90 -25.63 6.15
C VAL B 178 20.04 -24.58 6.85
N TYR B 179 20.41 -23.33 6.81
CA TYR B 179 19.51 -22.36 7.37
C TYR B 179 19.29 -21.34 6.29
N CYS B 180 18.03 -21.04 5.94
CA CYS B 180 17.80 -20.02 4.90
C CYS B 180 17.14 -18.79 5.44
N ASP B 181 17.46 -17.66 4.83
CA ASP B 181 16.94 -16.37 5.25
C ASP B 181 16.82 -15.63 3.93
N PRO B 182 15.83 -16.05 3.06
CA PRO B 182 15.58 -15.55 1.69
C PRO B 182 15.08 -14.17 1.83
N PRO B 183 15.10 -13.36 0.75
CA PRO B 183 14.38 -12.08 0.85
C PRO B 183 12.89 -12.27 1.19
N TYR B 184 12.38 -11.39 2.03
CA TYR B 184 10.98 -11.42 2.57
C TYR B 184 9.85 -11.60 1.56
N ALA B 185 8.93 -12.52 1.83
CA ALA B 185 7.68 -12.60 1.07
C ALA B 185 6.94 -11.27 1.10
N PRO B 186 6.05 -10.99 0.10
CA PRO B 186 5.34 -9.68 0.18
C PRO B 186 4.18 -9.56 1.22
N LEU B 187 3.65 -8.32 1.34
CA LEU B 187 2.47 -7.95 2.16
C LEU B 187 1.49 -7.05 1.37
N SER B 200 15.27 -8.24 -7.85
CA SER B 200 14.06 -8.71 -7.19
C SER B 200 14.02 -10.24 -7.16
N PHE B 201 13.48 -10.78 -6.08
CA PHE B 201 13.43 -12.22 -5.87
C PHE B 201 11.97 -12.67 -6.04
N THR B 202 11.72 -13.52 -7.03
CA THR B 202 10.36 -13.83 -7.46
C THR B 202 9.65 -14.91 -6.62
N LEU B 203 8.30 -14.88 -6.59
CA LEU B 203 7.52 -15.96 -5.95
C LEU B 203 7.79 -17.33 -6.56
N GLU B 204 8.16 -17.39 -7.83
CA GLU B 204 8.49 -18.70 -8.35
C GLU B 204 9.73 -19.26 -7.63
N GLN B 205 10.72 -18.40 -7.39
CA GLN B 205 11.95 -18.79 -6.64
C GLN B 205 11.64 -19.01 -5.18
N GLN B 206 10.82 -18.14 -4.62
CA GLN B 206 10.37 -18.41 -3.28
C GLN B 206 9.86 -19.82 -3.01
N ALA B 207 9.09 -20.37 -3.95
CA ALA B 207 8.56 -21.74 -3.82
C ALA B 207 9.61 -22.74 -4.19
N HIS B 208 10.45 -22.36 -5.16
CA HIS B 208 11.55 -23.28 -5.52
C HIS B 208 12.38 -23.55 -4.23
N LEU B 209 12.67 -22.51 -3.45
CA LEU B 209 13.44 -22.72 -2.23
C LEU B 209 12.82 -23.77 -1.32
N ALA B 210 11.53 -23.68 -1.07
CA ALA B 210 10.83 -24.74 -0.31
C ALA B 210 10.83 -26.09 -0.97
N GLU B 211 10.81 -26.13 -2.30
CA GLU B 211 10.92 -27.43 -2.98
C GLU B 211 12.28 -28.07 -2.82
N ILE B 212 13.35 -27.27 -2.92
CA ILE B 212 14.69 -27.84 -2.66
C ILE B 212 14.83 -28.27 -1.18
N ALA B 213 14.28 -27.48 -0.26
CA ALA B 213 14.24 -27.95 1.14
C ALA B 213 13.61 -29.33 1.24
N GLU B 214 12.45 -29.55 0.58
CA GLU B 214 11.79 -30.87 0.67
C GLU B 214 12.71 -31.94 0.14
N GLY B 215 13.52 -31.63 -0.85
CA GLY B 215 14.52 -32.62 -1.32
C GLY B 215 15.62 -32.90 -0.31
N LEU B 216 16.07 -31.86 0.38
CA LEU B 216 17.11 -32.06 1.35
C LEU B 216 16.66 -32.98 2.45
N VAL B 217 15.50 -32.75 3.03
CA VAL B 217 15.13 -33.59 4.16
C VAL B 217 14.89 -35.06 3.80
N GLU B 218 14.48 -35.35 2.56
CA GLU B 218 14.34 -36.74 2.15
C GLU B 218 15.69 -37.43 2.22
N ARG B 219 16.78 -36.69 2.00
CA ARG B 219 18.16 -37.24 2.12
C ARG B 219 18.74 -37.05 3.56
N HIS B 220 17.88 -36.77 4.53
CA HIS B 220 18.31 -36.80 5.92
C HIS B 220 19.20 -35.61 6.32
N ILE B 221 18.92 -34.46 5.70
CA ILE B 221 19.67 -33.24 5.85
C ILE B 221 18.63 -32.21 6.26
N PRO B 222 18.68 -31.77 7.51
CA PRO B 222 17.68 -30.89 8.10
C PRO B 222 17.85 -29.51 7.55
N VAL B 223 16.76 -28.74 7.42
CA VAL B 223 16.81 -27.37 6.88
C VAL B 223 15.89 -26.55 7.73
N LEU B 224 16.16 -25.26 7.92
CA LEU B 224 15.27 -24.39 8.64
C LEU B 224 15.23 -23.10 7.87
N ILE B 225 14.03 -22.51 7.69
CA ILE B 225 13.86 -21.34 6.80
C ILE B 225 13.08 -20.26 7.55
N SER B 226 13.35 -19.02 7.23
CA SER B 226 12.82 -17.90 7.98
C SER B 226 12.04 -16.94 7.04
N ASN B 227 10.92 -16.37 7.47
CA ASN B 227 10.12 -15.47 6.60
C ASN B 227 9.05 -14.71 7.41
N HIS B 228 8.34 -13.79 6.77
CA HIS B 228 7.08 -13.31 7.34
C HIS B 228 6.03 -14.44 7.46
N ASP B 229 5.06 -14.22 8.37
CA ASP B 229 3.87 -15.08 8.48
C ASP B 229 2.73 -14.72 7.49
N THR B 230 2.56 -15.48 6.42
CA THR B 230 1.51 -15.13 5.47
C THR B 230 0.93 -16.39 4.91
N MET B 231 -0.16 -16.22 4.18
CA MET B 231 -0.84 -17.28 3.45
C MET B 231 0.13 -18.03 2.55
N LEU B 232 0.91 -17.25 1.80
CA LEU B 232 1.93 -17.81 0.89
C LEU B 232 3.06 -18.56 1.60
N THR B 233 3.59 -17.99 2.68
CA THR B 233 4.75 -18.66 3.31
C THR B 233 4.25 -19.95 3.84
N ARG B 234 3.07 -19.88 4.43
CA ARG B 234 2.36 -21.05 4.89
C ARG B 234 2.07 -22.08 3.79
N GLU B 235 1.72 -21.61 2.57
CA GLU B 235 1.49 -22.50 1.44
C GLU B 235 2.79 -23.16 1.09
N TRP B 236 3.83 -22.35 0.81
CA TRP B 236 5.13 -22.91 0.40
C TRP B 236 5.74 -23.84 1.38
N TYR B 237 5.59 -23.58 2.68
CA TYR B 237 6.25 -24.47 3.59
C TYR B 237 5.32 -25.50 4.25
N GLN B 238 4.23 -25.86 3.55
CA GLN B 238 3.28 -26.90 3.98
C GLN B 238 3.84 -28.04 4.77
N ARG B 239 5.01 -28.53 4.38
CA ARG B 239 5.50 -29.79 4.92
C ARG B 239 6.47 -29.65 6.06
N ALA B 240 6.65 -28.45 6.60
CA ALA B 240 7.53 -28.24 7.77
C ALA B 240 6.78 -28.01 9.09
N LYS B 241 7.29 -28.50 10.21
CA LYS B 241 6.70 -28.10 11.48
C LYS B 241 6.89 -26.59 11.58
N LEU B 242 5.82 -25.86 11.82
CA LEU B 242 5.84 -24.40 11.78
C LEU B 242 5.84 -23.68 13.17
N HIS B 243 6.58 -22.59 13.32
CA HIS B 243 6.62 -21.93 14.63
C HIS B 243 6.46 -20.46 14.39
N VAL B 244 5.54 -19.81 15.10
CA VAL B 244 5.24 -18.39 14.90
C VAL B 244 5.94 -17.54 15.95
N VAL B 245 6.51 -16.42 15.55
CA VAL B 245 7.26 -15.62 16.48
C VAL B 245 6.67 -14.24 16.44
N LYS B 246 6.26 -13.75 17.61
CA LYS B 246 5.52 -12.51 17.71
C LYS B 246 6.47 -11.31 17.69
N VAL B 247 5.87 -10.14 17.82
CA VAL B 247 6.58 -8.86 18.03
C VAL B 247 5.74 -7.88 18.87
N LYS B 260 4.54 -3.95 12.29
CA LYS B 260 5.15 -5.02 13.06
C LYS B 260 4.27 -6.26 12.99
N VAL B 261 4.78 -7.31 12.34
CA VAL B 261 4.02 -8.55 12.15
C VAL B 261 4.85 -9.76 12.56
N ASP B 262 4.19 -10.91 12.64
CA ASP B 262 4.84 -12.12 13.06
C ASP B 262 5.75 -12.66 11.99
N GLU B 263 6.64 -13.53 12.43
CA GLU B 263 7.69 -14.07 11.63
C GLU B 263 7.58 -15.58 11.74
N LEU B 264 7.97 -16.27 10.68
CA LEU B 264 7.70 -17.70 10.61
C LEU B 264 9.02 -18.39 10.52
N LEU B 265 9.16 -19.50 11.23
CA LEU B 265 10.31 -20.36 11.15
C LEU B 265 9.86 -21.75 10.75
N ALA B 266 10.40 -22.29 9.68
CA ALA B 266 9.91 -23.56 9.22
C ALA B 266 10.99 -24.60 9.32
N LEU B 267 10.73 -25.61 10.13
CA LEU B 267 11.70 -26.62 10.36
C LEU B 267 11.39 -27.84 9.53
N TYR B 268 12.30 -28.26 8.65
CA TYR B 268 12.17 -29.54 8.00
C TYR B 268 13.11 -30.44 8.76
N LYS B 269 12.59 -31.49 9.40
CA LYS B 269 13.42 -32.35 10.22
C LYS B 269 13.18 -33.81 9.89
N PRO B 270 14.26 -34.61 9.78
CA PRO B 270 14.13 -36.06 9.58
C PRO B 270 13.85 -36.79 10.88
N LYS C 3 -29.14 -12.11 17.98
CA LYS C 3 -28.56 -12.17 16.59
C LYS C 3 -28.01 -13.54 16.11
N ASN C 4 -28.61 -14.13 15.08
CA ASN C 4 -28.11 -15.40 14.54
C ASN C 4 -26.80 -15.31 13.75
N ARG C 5 -25.93 -16.28 13.97
CA ARG C 5 -24.67 -16.36 13.21
C ARG C 5 -24.82 -17.29 11.98
N ALA C 6 -24.07 -17.01 10.92
CA ALA C 6 -23.97 -17.87 9.76
C ALA C 6 -23.22 -19.12 10.17
N PHE C 7 -23.41 -20.24 9.51
CA PHE C 7 -22.52 -21.36 9.86
C PHE C 7 -21.11 -21.25 9.23
N LEU C 8 -20.94 -20.29 8.33
CA LEU C 8 -19.64 -20.11 7.72
C LEU C 8 -18.88 -18.93 8.28
N LYS C 9 -17.57 -19.14 8.49
CA LYS C 9 -16.58 -18.12 8.89
C LYS C 9 -16.36 -17.12 7.78
N TRP C 10 -16.10 -15.89 8.17
CA TRP C 10 -15.58 -14.90 7.22
C TRP C 10 -14.61 -13.93 7.93
N ALA C 11 -13.57 -13.50 7.20
CA ALA C 11 -12.61 -12.48 7.70
C ALA C 11 -13.13 -11.02 7.69
N GLY C 12 -13.63 -10.56 8.84
CA GLY C 12 -13.90 -9.13 9.10
C GLY C 12 -15.22 -8.41 8.76
N GLY C 13 -16.39 -9.10 8.78
CA GLY C 13 -17.68 -8.39 8.63
C GLY C 13 -18.88 -8.90 7.80
N LYS C 14 -19.91 -8.04 7.72
CA LYS C 14 -21.31 -8.41 7.43
C LYS C 14 -22.15 -8.12 8.72
N TYR C 15 -21.68 -8.66 9.87
CA TYR C 15 -22.37 -8.61 11.19
C TYR C 15 -22.45 -7.27 11.89
N PRO C 16 -21.30 -6.56 11.98
CA PRO C 16 -21.24 -5.25 12.65
C PRO C 16 -22.36 -4.28 12.25
N LEU C 17 -22.83 -4.36 11.00
CA LEU C 17 -23.75 -3.39 10.45
C LEU C 17 -25.21 -3.79 10.32
N LEU C 18 -25.59 -4.99 10.78
CA LEU C 18 -26.95 -5.46 10.54
C LEU C 18 -27.96 -4.44 10.97
N ASP C 19 -27.72 -3.86 12.14
CA ASP C 19 -28.64 -2.88 12.74
C ASP C 19 -28.95 -1.71 11.84
N ASP C 20 -27.88 -1.03 11.43
CA ASP C 20 -27.89 0.07 10.46
C ASP C 20 -28.59 -0.30 9.15
N ILE C 21 -28.35 -1.53 8.68
CA ILE C 21 -28.95 -2.10 7.49
C ILE C 21 -30.44 -2.32 7.65
N LYS C 22 -30.85 -2.93 8.77
CA LYS C 22 -32.25 -3.23 8.94
C LYS C 22 -33.04 -1.97 9.21
N ARG C 23 -32.34 -0.97 9.78
CA ARG C 23 -32.92 0.37 9.91
C ARG C 23 -33.31 0.94 8.55
N HIS C 24 -32.52 0.66 7.52
CA HIS C 24 -32.73 1.27 6.22
C HIS C 24 -33.35 0.35 5.17
N LEU C 25 -33.36 -0.96 5.42
CA LEU C 25 -33.98 -1.89 4.51
C LEU C 25 -35.52 -1.75 4.47
N PRO C 26 -36.09 -1.32 3.32
CA PRO C 26 -37.55 -1.20 3.13
C PRO C 26 -38.27 -2.51 3.33
N LYS C 27 -39.53 -2.44 3.70
CA LYS C 27 -40.32 -3.67 3.87
C LYS C 27 -40.95 -4.21 2.53
N GLY C 28 -41.20 -5.52 2.48
CA GLY C 28 -41.78 -6.12 1.26
C GLY C 28 -41.98 -7.61 1.48
N GLU C 29 -42.50 -8.33 0.49
CA GLU C 29 -42.75 -9.76 0.68
C GLU C 29 -41.54 -10.68 0.44
N CYS C 30 -40.67 -10.24 -0.47
CA CYS C 30 -39.55 -11.04 -0.90
C CYS C 30 -38.33 -10.13 -0.87
N LEU C 31 -37.22 -10.69 -0.40
CA LEU C 31 -35.97 -9.96 -0.37
C LEU C 31 -35.02 -10.73 -1.24
N VAL C 32 -34.38 -10.03 -2.16
CA VAL C 32 -33.49 -10.58 -3.19
C VAL C 32 -32.05 -10.22 -2.87
N GLU C 33 -31.12 -11.15 -3.06
CA GLU C 33 -29.73 -10.85 -2.68
C GLU C 33 -28.80 -11.32 -3.74
N PRO C 34 -28.24 -10.37 -4.49
CA PRO C 34 -27.35 -10.76 -5.58
C PRO C 34 -26.03 -11.38 -5.08
N PHE C 35 -25.56 -10.96 -3.89
CA PHE C 35 -24.29 -11.48 -3.32
C PHE C 35 -24.59 -12.13 -1.95
N VAL C 36 -25.37 -13.18 -1.88
CA VAL C 36 -25.71 -13.71 -0.59
C VAL C 36 -24.49 -13.89 0.39
N GLY C 37 -23.35 -14.32 -0.11
CA GLY C 37 -22.25 -14.63 0.80
C GLY C 37 -22.55 -15.57 1.95
N ALA C 38 -22.30 -15.13 3.20
CA ALA C 38 -22.46 -16.03 4.34
C ALA C 38 -23.90 -16.12 4.84
N GLY C 39 -24.73 -15.17 4.46
CA GLY C 39 -26.17 -15.33 4.68
C GLY C 39 -26.78 -14.46 5.76
N SER C 40 -25.95 -13.65 6.41
CA SER C 40 -26.32 -12.95 7.64
C SER C 40 -27.47 -11.96 7.59
N VAL C 41 -27.63 -11.08 6.61
CA VAL C 41 -28.92 -10.37 6.59
C VAL C 41 -30.11 -11.34 6.39
N PHE C 42 -29.96 -12.32 5.51
CA PHE C 42 -31.00 -13.32 5.32
C PHE C 42 -31.35 -14.05 6.65
N LEU C 43 -30.34 -14.43 7.39
CA LEU C 43 -30.55 -15.02 8.70
C LEU C 43 -31.17 -14.10 9.78
N ASN C 44 -31.23 -12.79 9.57
CA ASN C 44 -31.66 -11.90 10.63
C ASN C 44 -32.73 -10.93 10.20
N THR C 45 -33.58 -11.32 9.27
CA THR C 45 -34.64 -10.45 8.83
C THR C 45 -35.78 -11.37 8.69
N ASP C 46 -36.96 -10.86 8.44
CA ASP C 46 -38.09 -11.79 8.40
C ASP C 46 -39.00 -11.75 7.14
N PHE C 47 -38.44 -11.91 5.93
CA PHE C 47 -39.33 -11.87 4.73
C PHE C 47 -40.15 -13.14 4.55
N SER C 48 -41.34 -13.00 4.03
CA SER C 48 -42.10 -14.11 3.45
C SER C 48 -41.21 -15.08 2.63
N ARG C 49 -40.48 -14.60 1.62
CA ARG C 49 -39.69 -15.48 0.71
C ARG C 49 -38.34 -14.83 0.38
N TYR C 50 -37.41 -15.61 -0.15
CA TYR C 50 -36.09 -15.07 -0.45
C TYR C 50 -35.54 -15.57 -1.75
N ILE C 51 -34.97 -14.68 -2.54
CA ILE C 51 -34.20 -15.15 -3.65
C ILE C 51 -32.69 -14.84 -3.33
N LEU C 52 -31.83 -15.85 -3.27
CA LEU C 52 -30.45 -15.68 -2.80
C LEU C 52 -29.47 -16.25 -3.81
N ALA C 53 -28.52 -15.40 -4.23
CA ALA C 53 -27.71 -15.68 -5.37
C ALA C 53 -26.20 -15.35 -5.12
N ASP C 54 -25.33 -16.03 -5.86
CA ASP C 54 -23.90 -15.82 -5.74
C ASP C 54 -23.18 -16.50 -6.91
N ILE C 55 -22.07 -15.90 -7.33
CA ILE C 55 -21.32 -16.38 -8.48
C ILE C 55 -20.56 -17.65 -8.19
N ASN C 56 -20.51 -18.05 -6.96
CA ASN C 56 -19.64 -19.14 -6.61
C ASN C 56 -20.49 -20.39 -6.50
N SER C 57 -20.26 -21.30 -7.44
CA SER C 57 -21.01 -22.52 -7.46
C SER C 57 -20.82 -23.43 -6.28
N ASP C 58 -19.67 -23.40 -5.61
CA ASP C 58 -19.44 -24.27 -4.42
C ASP C 58 -20.39 -23.89 -3.34
N LEU C 59 -20.53 -22.58 -3.13
CA LEU C 59 -21.43 -22.01 -2.13
C LEU C 59 -22.91 -22.29 -2.37
N ILE C 60 -23.42 -21.95 -3.55
CA ILE C 60 -24.84 -22.19 -3.84
C ILE C 60 -25.08 -23.70 -3.67
N SER C 61 -24.20 -24.49 -4.23
CA SER C 61 -24.35 -25.95 -4.14
C SER C 61 -24.41 -26.46 -2.66
N LEU C 62 -23.40 -26.15 -1.85
CA LEU C 62 -23.48 -26.33 -0.37
C LEU C 62 -24.86 -25.88 0.15
N TYR C 63 -25.29 -24.67 -0.20
CA TYR C 63 -26.56 -24.20 0.36
C TYR C 63 -27.72 -25.09 -0.08
N ASN C 64 -27.73 -25.52 -1.37
CA ASN C 64 -28.88 -26.32 -1.85
C ASN C 64 -28.91 -27.65 -1.15
N ILE C 65 -27.74 -28.26 -1.06
CA ILE C 65 -27.63 -29.44 -0.20
C ILE C 65 -28.03 -29.22 1.28
N VAL C 66 -27.75 -28.08 1.89
CA VAL C 66 -28.14 -28.01 3.29
C VAL C 66 -29.67 -27.85 3.33
N LYS C 67 -30.24 -27.25 2.27
CA LYS C 67 -31.68 -27.01 2.29
C LYS C 67 -32.50 -28.34 2.29
N MET C 68 -31.99 -29.32 1.54
CA MET C 68 -32.77 -30.47 1.11
C MET C 68 -32.31 -31.76 1.74
N ARG C 69 -31.04 -31.84 2.13
CA ARG C 69 -30.60 -33.02 2.85
C ARG C 69 -30.08 -32.72 4.24
N THR C 70 -30.82 -31.95 5.03
CA THR C 70 -30.31 -31.46 6.34
C THR C 70 -29.55 -32.46 7.26
N ASP C 71 -30.24 -33.48 7.81
CA ASP C 71 -29.57 -34.42 8.76
C ASP C 71 -28.52 -35.26 8.10
N GLU C 72 -28.77 -35.71 6.87
CA GLU C 72 -27.79 -36.54 6.24
C GLU C 72 -26.54 -35.67 6.13
N TYR C 73 -26.72 -34.39 5.78
CA TYR C 73 -25.58 -33.47 5.75
C TYR C 73 -24.92 -33.28 7.13
N VAL C 74 -25.70 -32.96 8.16
CA VAL C 74 -25.11 -32.64 9.44
C VAL C 74 -24.33 -33.84 9.99
N GLN C 75 -24.84 -35.04 9.71
CA GLN C 75 -24.17 -36.25 10.13
C GLN C 75 -22.79 -36.31 9.52
N ALA C 76 -22.70 -36.26 8.20
CA ALA C 76 -21.42 -36.47 7.55
C ALA C 76 -20.41 -35.40 8.03
N ALA C 77 -20.86 -34.17 8.12
CA ALA C 77 -19.99 -33.06 8.49
C ALA C 77 -19.42 -33.15 9.89
N ARG C 78 -20.21 -33.67 10.84
CA ARG C 78 -19.74 -33.84 12.22
C ARG C 78 -18.53 -34.77 12.26
N GLU C 79 -18.62 -35.91 11.59
CA GLU C 79 -17.50 -36.84 11.51
C GLU C 79 -16.10 -36.18 11.33
N LEU C 80 -16.01 -35.01 10.68
CA LEU C 80 -14.72 -34.36 10.38
C LEU C 80 -14.26 -33.34 11.43
N PHE C 81 -15.13 -32.97 12.36
CA PHE C 81 -14.73 -32.03 13.41
C PHE C 81 -14.12 -32.66 14.68
N VAL C 82 -13.53 -33.83 14.51
CA VAL C 82 -12.87 -34.55 15.57
C VAL C 82 -11.43 -34.03 15.84
N PRO C 83 -10.87 -34.36 17.02
CA PRO C 83 -9.47 -33.90 17.30
C PRO C 83 -8.40 -34.55 16.40
N GLU C 84 -8.68 -35.75 15.89
CA GLU C 84 -7.81 -36.51 14.96
C GLU C 84 -7.55 -35.80 13.64
N THR C 85 -8.23 -34.65 13.40
CA THR C 85 -8.18 -33.98 12.09
C THR C 85 -7.52 -32.63 12.13
N ASN C 86 -7.31 -32.06 13.32
CA ASN C 86 -6.76 -30.71 13.42
C ASN C 86 -5.22 -30.59 13.19
N CYS C 87 -4.76 -31.07 12.05
CA CYS C 87 -3.35 -31.02 11.72
C CYS C 87 -3.11 -30.86 10.21
N ALA C 88 -1.95 -30.32 9.85
CA ALA C 88 -1.58 -30.15 8.45
C ALA C 88 -1.57 -31.45 7.67
N GLU C 89 -1.28 -32.59 8.30
CA GLU C 89 -1.31 -33.86 7.52
C GLU C 89 -2.69 -33.95 6.88
N VAL C 90 -3.71 -34.00 7.74
CA VAL C 90 -5.09 -34.16 7.33
C VAL C 90 -5.63 -33.00 6.45
N TYR C 91 -5.44 -31.75 6.86
CA TYR C 91 -5.89 -30.58 6.07
C TYR C 91 -5.55 -30.72 4.58
N TYR C 92 -4.26 -30.83 4.25
CA TYR C 92 -3.81 -30.97 2.87
C TYR C 92 -4.37 -32.21 2.18
N GLN C 93 -4.62 -33.26 2.95
CA GLN C 93 -5.23 -34.43 2.36
C GLN C 93 -6.67 -34.14 1.97
N PHE C 94 -7.40 -33.50 2.89
CA PHE C 94 -8.80 -33.19 2.67
C PHE C 94 -8.97 -32.22 1.50
N ARG C 95 -8.09 -31.25 1.43
CA ARG C 95 -8.14 -30.23 0.41
C ARG C 95 -7.94 -30.79 -1.00
N GLU C 96 -7.17 -31.86 -1.10
CA GLU C 96 -6.75 -32.38 -2.37
C GLU C 96 -7.88 -33.24 -2.87
N GLU C 97 -8.49 -33.98 -1.92
CA GLU C 97 -9.72 -34.71 -2.16
C GLU C 97 -10.87 -33.77 -2.59
N PHE C 98 -10.88 -32.53 -2.12
CA PHE C 98 -11.93 -31.62 -2.51
C PHE C 98 -11.69 -31.23 -3.96
N ASN C 99 -10.46 -30.83 -4.26
CA ASN C 99 -10.11 -30.45 -5.60
C ASN C 99 -10.18 -31.60 -6.62
N LYS C 100 -10.25 -32.85 -6.17
CA LYS C 100 -10.34 -33.93 -7.12
C LYS C 100 -11.70 -34.62 -7.17
N SER C 101 -12.52 -34.43 -6.16
CA SER C 101 -13.86 -35.05 -6.12
C SER C 101 -14.83 -34.53 -7.19
N GLN C 102 -15.62 -35.37 -7.83
CA GLN C 102 -16.69 -34.79 -8.68
C GLN C 102 -18.08 -35.00 -8.06
N ASP C 103 -18.13 -35.44 -6.81
CA ASP C 103 -19.36 -35.66 -6.08
C ASP C 103 -19.84 -34.44 -5.27
N PRO C 104 -20.89 -33.75 -5.71
CA PRO C 104 -21.31 -32.58 -4.92
C PRO C 104 -21.40 -32.76 -3.37
N PHE C 105 -21.88 -33.90 -2.91
CA PHE C 105 -22.22 -34.03 -1.52
C PHE C 105 -20.91 -34.13 -0.67
N ARG C 106 -20.01 -35.02 -1.09
CA ARG C 106 -18.74 -35.13 -0.44
C ARG C 106 -18.00 -33.77 -0.43
N ARG C 107 -18.03 -33.09 -1.57
CA ARG C 107 -17.48 -31.76 -1.75
C ARG C 107 -18.01 -30.72 -0.78
N ALA C 108 -19.26 -30.81 -0.39
CA ALA C 108 -19.84 -29.75 0.39
C ALA C 108 -19.54 -30.04 1.87
N VAL C 109 -19.27 -31.30 2.18
CA VAL C 109 -18.97 -31.67 3.54
C VAL C 109 -17.55 -31.10 3.77
N LEU C 110 -16.62 -31.44 2.88
CA LEU C 110 -15.28 -30.93 2.90
C LEU C 110 -15.22 -29.40 2.90
N PHE C 111 -15.98 -28.76 2.02
CA PHE C 111 -15.99 -27.29 1.98
C PHE C 111 -16.12 -26.72 3.40
N LEU C 112 -16.89 -27.37 4.28
CA LEU C 112 -17.11 -26.80 5.60
C LEU C 112 -15.89 -27.07 6.49
N TYR C 113 -15.24 -28.20 6.28
CA TYR C 113 -14.04 -28.46 7.00
C TYR C 113 -13.01 -27.36 6.65
N LEU C 114 -12.81 -27.16 5.35
CA LEU C 114 -11.89 -26.18 4.83
C LEU C 114 -12.19 -24.80 5.33
N ASN C 115 -13.45 -24.46 5.56
CA ASN C 115 -13.71 -23.05 5.97
C ASN C 115 -13.39 -22.84 7.48
N ARG C 116 -13.47 -23.91 8.25
CA ARG C 116 -13.35 -23.80 9.69
C ARG C 116 -11.88 -24.18 10.18
N TYR C 117 -11.16 -24.88 9.31
CA TYR C 117 -9.80 -25.29 9.61
C TYR C 117 -8.75 -24.53 8.78
N GLY C 118 -9.12 -23.53 7.97
CA GLY C 118 -8.16 -22.91 7.08
C GLY C 118 -7.91 -21.44 7.38
N TYR C 119 -6.75 -20.94 6.93
CA TYR C 119 -6.34 -19.55 7.10
C TYR C 119 -7.45 -18.52 6.93
N ASN C 120 -7.94 -18.01 8.07
CA ASN C 120 -8.83 -16.85 8.19
C ASN C 120 -10.24 -17.03 7.61
N GLY C 121 -10.67 -18.30 7.47
CA GLY C 121 -11.98 -18.65 6.90
C GLY C 121 -12.12 -18.24 5.44
N LEU C 122 -11.04 -18.41 4.70
CA LEU C 122 -10.94 -17.70 3.43
C LEU C 122 -11.33 -18.61 2.23
N CYS C 123 -11.89 -18.04 1.18
CA CYS C 123 -12.26 -18.89 0.02
C CYS C 123 -11.52 -18.47 -1.22
N ARG C 124 -10.46 -19.17 -1.59
CA ARG C 124 -9.70 -18.66 -2.73
C ARG C 124 -9.44 -19.76 -3.70
N TYR C 125 -9.09 -19.42 -4.95
CA TYR C 125 -8.71 -20.47 -5.92
C TYR C 125 -7.48 -20.06 -6.72
N ASN C 126 -6.61 -21.03 -7.06
CA ASN C 126 -5.57 -20.72 -8.05
C ASN C 126 -6.22 -20.55 -9.44
N LEU C 127 -5.41 -20.35 -10.48
CA LEU C 127 -5.89 -20.08 -11.84
C LEU C 127 -6.37 -21.38 -12.54
N ARG C 128 -6.06 -22.54 -11.98
CA ARG C 128 -6.63 -23.79 -12.42
C ARG C 128 -7.88 -24.14 -11.65
N GLY C 129 -8.61 -23.14 -11.16
CA GLY C 129 -9.73 -23.38 -10.22
C GLY C 129 -9.57 -24.23 -8.97
N GLU C 130 -8.38 -24.65 -8.59
CA GLU C 130 -8.24 -25.36 -7.33
C GLU C 130 -8.29 -24.45 -6.07
N PHE C 131 -8.91 -24.95 -5.01
CA PHE C 131 -9.09 -24.19 -3.76
C PHE C 131 -7.69 -24.19 -3.15
N ASN C 132 -7.13 -23.02 -2.85
CA ASN C 132 -5.71 -22.95 -2.45
C ASN C 132 -5.47 -22.26 -1.06
N VAL C 133 -6.37 -22.37 -0.11
CA VAL C 133 -6.11 -21.76 1.19
C VAL C 133 -5.29 -22.75 2.06
N PRO C 134 -4.21 -22.28 2.68
CA PRO C 134 -3.48 -23.24 3.60
C PRO C 134 -4.08 -23.44 5.03
N PHE C 135 -3.53 -24.41 5.75
CA PHE C 135 -3.85 -24.68 7.16
C PHE C 135 -3.77 -23.46 8.10
N GLY C 136 -4.85 -23.19 8.83
CA GLY C 136 -4.95 -21.97 9.61
C GLY C 136 -4.48 -22.16 11.06
N ARG C 137 -4.06 -23.37 11.40
CA ARG C 137 -3.39 -23.64 12.69
C ARG C 137 -4.25 -23.19 13.89
N TYR C 138 -5.53 -23.61 13.88
CA TYR C 138 -6.50 -23.12 14.86
C TYR C 138 -6.46 -23.93 16.16
N LYS C 139 -6.44 -23.20 17.29
CA LYS C 139 -6.40 -23.78 18.65
C LYS C 139 -7.55 -24.78 18.88
N LYS C 140 -8.77 -24.36 18.54
CA LYS C 140 -9.89 -25.31 18.43
C LYS C 140 -11.07 -24.72 17.65
N PRO C 141 -11.50 -25.45 16.60
CA PRO C 141 -12.60 -25.00 15.72
C PRO C 141 -13.97 -25.51 16.15
N TYR C 142 -14.96 -24.62 16.09
CA TYR C 142 -16.34 -24.93 16.41
C TYR C 142 -17.04 -25.78 15.30
N PHE C 143 -17.82 -26.77 15.66
CA PHE C 143 -18.77 -27.31 14.68
C PHE C 143 -20.13 -26.60 14.85
N PRO C 144 -20.50 -25.70 13.93
CA PRO C 144 -21.73 -24.94 14.00
C PRO C 144 -23.03 -25.73 13.68
N GLU C 145 -23.37 -26.68 14.56
CA GLU C 145 -24.62 -27.42 14.52
C GLU C 145 -25.91 -26.59 14.61
N ALA C 146 -26.06 -25.83 15.71
CA ALA C 146 -27.21 -24.93 15.82
C ALA C 146 -27.44 -24.03 14.57
N GLU C 147 -26.38 -23.36 14.08
CA GLU C 147 -26.47 -22.48 12.92
C GLU C 147 -26.79 -23.22 11.65
N LEU C 148 -26.22 -24.40 11.46
CA LEU C 148 -26.66 -25.28 10.38
C LEU C 148 -28.19 -25.49 10.37
N TYR C 149 -28.77 -25.88 11.52
CA TYR C 149 -30.21 -26.21 11.55
C TYR C 149 -31.01 -24.97 11.33
N HIS C 150 -30.57 -23.87 11.96
CA HIS C 150 -31.30 -22.64 11.77
C HIS C 150 -31.28 -22.18 10.26
N PHE C 151 -30.18 -22.45 9.56
CA PHE C 151 -30.01 -22.08 8.18
C PHE C 151 -31.01 -22.89 7.27
N ALA C 152 -31.05 -24.20 7.50
CA ALA C 152 -32.01 -25.16 6.92
C ALA C 152 -33.49 -24.78 7.09
N GLU C 153 -33.82 -24.32 8.29
CA GLU C 153 -35.17 -23.96 8.57
C GLU C 153 -35.60 -22.79 7.68
N LYS C 154 -34.83 -21.69 7.71
CA LYS C 154 -35.14 -20.51 6.87
C LYS C 154 -35.09 -20.85 5.36
N ALA C 155 -34.21 -21.77 4.99
CA ALA C 155 -34.00 -22.17 3.62
C ALA C 155 -35.31 -22.55 2.92
N GLN C 156 -36.25 -23.07 3.71
CA GLN C 156 -37.56 -23.50 3.22
C GLN C 156 -38.34 -22.34 2.60
N ASN C 157 -37.96 -21.13 2.94
CA ASN C 157 -38.50 -20.00 2.25
C ASN C 157 -37.56 -19.37 1.24
N ALA C 158 -36.52 -20.12 0.80
CA ALA C 158 -35.53 -19.57 -0.13
C ALA C 158 -35.26 -20.34 -1.39
N PHE C 159 -34.99 -19.61 -2.47
CA PHE C 159 -34.33 -20.18 -3.63
C PHE C 159 -32.90 -19.67 -3.82
N PHE C 160 -31.97 -20.60 -3.99
CA PHE C 160 -30.60 -20.33 -4.32
C PHE C 160 -30.30 -20.46 -5.81
N TYR C 161 -29.64 -19.46 -6.37
CA TYR C 161 -29.23 -19.47 -7.75
C TYR C 161 -27.73 -19.19 -7.79
N CYS C 162 -27.01 -19.90 -8.66
CA CYS C 162 -25.65 -19.54 -9.01
C CYS C 162 -25.63 -18.84 -10.35
N GLU C 163 -25.72 -17.51 -10.34
CA GLU C 163 -25.67 -16.66 -11.51
C GLU C 163 -25.04 -15.34 -11.06
N SER C 164 -24.99 -14.34 -11.96
CA SER C 164 -24.37 -13.08 -11.65
C SER C 164 -25.33 -11.92 -11.33
N TYR C 165 -24.80 -10.90 -10.66
CA TYR C 165 -25.63 -9.81 -10.10
C TYR C 165 -26.77 -9.35 -10.96
N ALA C 166 -26.56 -9.28 -12.28
CA ALA C 166 -27.58 -8.74 -13.18
C ALA C 166 -28.71 -9.74 -13.34
N ASP C 167 -28.40 -11.03 -13.57
CA ASP C 167 -29.47 -12.01 -13.73
C ASP C 167 -30.34 -11.99 -12.46
N SER C 168 -29.69 -12.19 -11.29
CA SER C 168 -30.45 -12.27 -10.04
C SER C 168 -31.25 -11.00 -9.73
N MET C 169 -30.71 -9.80 -9.98
CA MET C 169 -31.53 -8.59 -9.90
C MET C 169 -32.67 -8.54 -11.00
N ALA C 170 -32.51 -9.23 -12.15
CA ALA C 170 -33.59 -9.19 -13.13
C ALA C 170 -34.84 -9.90 -12.61
N ARG C 171 -34.70 -10.68 -11.53
CA ARG C 171 -35.84 -11.37 -11.03
C ARG C 171 -36.67 -10.57 -10.03
N ALA C 172 -36.26 -9.38 -9.66
CA ALA C 172 -37.04 -8.73 -8.62
C ALA C 172 -38.37 -8.23 -9.25
N ASP C 173 -39.43 -7.98 -8.46
CA ASP C 173 -40.80 -7.67 -8.98
C ASP C 173 -41.52 -6.64 -8.10
N ASP C 174 -42.82 -6.40 -8.39
CA ASP C 174 -43.64 -5.32 -7.70
C ASP C 174 -43.54 -5.44 -6.18
N ALA C 175 -43.53 -6.67 -5.70
CA ALA C 175 -43.48 -6.93 -4.27
C ALA C 175 -42.06 -7.31 -3.72
N SER C 176 -41.00 -6.86 -4.38
CA SER C 176 -39.65 -7.28 -3.95
C SER C 176 -38.84 -6.17 -3.28
N VAL C 177 -37.86 -6.59 -2.51
CA VAL C 177 -36.81 -5.66 -2.08
C VAL C 177 -35.46 -6.26 -2.43
N VAL C 178 -34.55 -5.42 -2.91
CA VAL C 178 -33.20 -5.88 -3.23
C VAL C 178 -32.14 -5.32 -2.28
N TYR C 179 -31.31 -6.18 -1.75
CA TYR C 179 -30.18 -5.68 -0.97
C TYR C 179 -28.83 -6.12 -1.51
N CYS C 180 -27.92 -5.18 -1.83
CA CYS C 180 -26.64 -5.54 -2.45
C CYS C 180 -25.36 -5.35 -1.63
N ASP C 181 -24.59 -6.39 -1.54
CA ASP C 181 -23.39 -6.30 -0.86
C ASP C 181 -22.22 -6.81 -1.75
N PRO C 182 -21.75 -5.95 -2.67
CA PRO C 182 -20.77 -6.31 -3.68
C PRO C 182 -19.41 -6.45 -3.04
N PRO C 183 -18.42 -7.02 -3.78
CA PRO C 183 -17.09 -6.93 -3.16
C PRO C 183 -16.77 -5.45 -3.06
N TYR C 184 -16.02 -5.08 -2.03
CA TYR C 184 -15.77 -3.71 -1.69
C TYR C 184 -15.00 -2.98 -2.77
N ALA C 185 -15.32 -1.71 -2.95
CA ALA C 185 -14.50 -0.74 -3.65
C ALA C 185 -13.04 -0.70 -3.12
N PRO C 186 -12.08 -0.38 -4.02
CA PRO C 186 -10.65 -0.42 -3.65
C PRO C 186 -10.17 0.74 -2.78
N LEU C 187 -8.92 0.62 -2.30
CA LEU C 187 -8.04 1.79 -1.94
C LEU C 187 -6.60 1.77 -2.54
N ASN C 199 -8.34 -11.17 -11.69
CA ASN C 199 -9.63 -11.65 -12.23
C ASN C 199 -10.86 -11.48 -11.28
N SER C 200 -10.91 -10.32 -10.58
CA SER C 200 -11.93 -10.03 -9.57
C SER C 200 -13.04 -9.12 -10.15
N PHE C 201 -13.94 -8.68 -9.27
CA PHE C 201 -15.02 -7.71 -9.54
C PHE C 201 -14.42 -6.37 -10.00
N THR C 202 -14.92 -5.78 -11.08
CA THR C 202 -14.30 -4.58 -11.59
C THR C 202 -15.06 -3.27 -11.33
N LEU C 203 -14.35 -2.16 -11.47
CA LEU C 203 -14.93 -0.84 -11.43
C LEU C 203 -16.12 -0.74 -12.38
N GLU C 204 -16.03 -1.35 -13.55
CA GLU C 204 -17.07 -1.10 -14.55
C GLU C 204 -18.31 -1.80 -14.04
N GLN C 205 -18.06 -2.86 -13.28
CA GLN C 205 -19.11 -3.77 -12.86
C GLN C 205 -19.81 -3.06 -11.78
N GLN C 206 -19.00 -2.48 -10.88
CA GLN C 206 -19.42 -1.70 -9.76
C GLN C 206 -20.22 -0.56 -10.18
N ALA C 207 -19.83 0.11 -11.26
CA ALA C 207 -20.70 1.19 -11.76
C ALA C 207 -21.97 0.65 -12.44
N HIS C 208 -21.92 -0.59 -12.96
CA HIS C 208 -23.05 -1.20 -13.67
C HIS C 208 -24.13 -1.59 -12.66
N LEU C 209 -23.69 -2.08 -11.49
CA LEU C 209 -24.61 -2.42 -10.41
C LEU C 209 -25.40 -1.16 -10.09
N ALA C 210 -24.71 -0.02 -9.89
CA ALA C 210 -25.51 1.20 -9.57
C ALA C 210 -26.55 1.53 -10.68
N GLU C 211 -26.21 1.34 -11.96
CA GLU C 211 -27.26 1.52 -13.01
C GLU C 211 -28.44 0.58 -12.89
N ILE C 212 -28.17 -0.68 -12.73
CA ILE C 212 -29.31 -1.59 -12.68
C ILE C 212 -30.19 -1.13 -11.54
N ALA C 213 -29.56 -0.64 -10.48
CA ALA C 213 -30.32 -0.14 -9.34
C ALA C 213 -31.16 1.06 -9.73
N GLU C 214 -30.60 1.97 -10.50
CA GLU C 214 -31.42 3.08 -11.03
C GLU C 214 -32.66 2.57 -11.74
N GLY C 215 -32.47 1.59 -12.64
CA GLY C 215 -33.57 1.04 -13.38
C GLY C 215 -34.58 0.43 -12.45
N LEU C 216 -34.11 -0.31 -11.45
CA LEU C 216 -35.08 -0.92 -10.54
C LEU C 216 -35.95 0.08 -9.74
N VAL C 217 -35.38 1.20 -9.29
CA VAL C 217 -36.18 2.14 -8.48
C VAL C 217 -37.17 2.79 -9.41
N GLU C 218 -36.69 3.15 -10.60
CA GLU C 218 -37.51 3.69 -11.66
C GLU C 218 -38.72 2.83 -12.01
N ARG C 219 -38.77 1.59 -11.56
CA ARG C 219 -39.94 0.74 -11.76
C ARG C 219 -40.60 0.46 -10.41
N HIS C 220 -40.38 1.36 -9.45
CA HIS C 220 -40.88 1.20 -8.06
C HIS C 220 -40.32 -0.02 -7.29
N ILE C 221 -39.14 -0.52 -7.67
CA ILE C 221 -38.47 -1.50 -6.82
C ILE C 221 -37.38 -0.79 -5.96
N PRO C 222 -37.47 -0.97 -4.63
CA PRO C 222 -36.48 -0.34 -3.73
C PRO C 222 -35.19 -1.12 -3.67
N VAL C 223 -34.06 -0.42 -3.55
CA VAL C 223 -32.77 -1.09 -3.54
C VAL C 223 -31.86 -0.50 -2.48
N LEU C 224 -31.25 -1.35 -1.66
CA LEU C 224 -30.22 -0.88 -0.77
C LEU C 224 -28.83 -1.48 -1.07
N ILE C 225 -27.82 -0.61 -1.20
CA ILE C 225 -26.46 -1.09 -1.48
C ILE C 225 -25.50 -0.67 -0.38
N SER C 226 -24.53 -1.52 -0.04
CA SER C 226 -23.55 -1.17 0.98
C SER C 226 -22.11 -1.27 0.48
N ASN C 227 -21.25 -0.35 0.88
CA ASN C 227 -19.84 -0.36 0.43
C ASN C 227 -18.98 0.55 1.31
N HIS C 228 -17.68 0.67 1.06
CA HIS C 228 -16.90 1.73 1.73
C HIS C 228 -17.33 3.15 1.30
N ASP C 229 -17.01 4.16 2.15
CA ASP C 229 -17.21 5.58 1.80
C ASP C 229 -15.99 6.15 1.04
N THR C 230 -16.19 6.61 -0.19
CA THR C 230 -15.09 6.83 -1.14
C THR C 230 -15.51 7.90 -2.12
N MET C 231 -14.55 8.55 -2.71
CA MET C 231 -14.84 9.38 -3.86
C MET C 231 -15.63 8.54 -4.92
N LEU C 232 -15.16 7.31 -5.15
CA LEU C 232 -15.66 6.44 -6.20
C LEU C 232 -17.13 5.97 -5.94
N THR C 233 -17.39 5.51 -4.70
CA THR C 233 -18.72 4.97 -4.33
C THR C 233 -19.77 6.07 -4.36
N ARG C 234 -19.36 7.28 -3.99
CA ARG C 234 -20.22 8.46 -4.12
C ARG C 234 -20.49 8.85 -5.55
N GLU C 235 -19.51 8.73 -6.43
CA GLU C 235 -19.79 8.95 -7.83
C GLU C 235 -20.85 7.92 -8.27
N TRP C 236 -20.62 6.64 -8.04
CA TRP C 236 -21.54 5.63 -8.50
C TRP C 236 -22.91 5.77 -7.95
N TYR C 237 -23.05 6.05 -6.66
CA TYR C 237 -24.40 6.11 -6.07
C TYR C 237 -24.99 7.53 -5.92
N GLN C 238 -24.56 8.47 -6.77
CA GLN C 238 -25.02 9.83 -6.76
C GLN C 238 -26.55 10.07 -6.70
N ARG C 239 -27.33 9.09 -7.17
CA ARG C 239 -28.79 9.16 -7.19
C ARG C 239 -29.41 8.55 -5.94
N ALA C 240 -28.64 7.89 -5.13
CA ALA C 240 -29.26 7.35 -3.91
C ALA C 240 -29.30 8.37 -2.72
N LYS C 241 -30.25 8.19 -1.81
CA LYS C 241 -30.17 8.80 -0.52
C LYS C 241 -29.03 8.11 0.24
N LEU C 242 -28.05 8.87 0.69
CA LEU C 242 -26.85 8.27 1.28
C LEU C 242 -26.74 8.41 2.79
N HIS C 243 -26.21 7.40 3.48
CA HIS C 243 -26.07 7.45 4.93
C HIS C 243 -24.74 6.92 5.37
N VAL C 244 -23.84 7.76 5.88
CA VAL C 244 -22.55 7.26 6.41
C VAL C 244 -22.78 6.61 7.79
N VAL C 245 -22.01 5.56 8.10
CA VAL C 245 -22.07 4.81 9.34
C VAL C 245 -20.62 4.61 9.80
N LYS C 246 -20.26 5.24 10.92
CA LYS C 246 -18.86 5.28 11.37
C LYS C 246 -18.48 3.94 11.98
N VAL C 247 -17.35 3.38 11.55
CA VAL C 247 -16.74 2.18 12.17
C VAL C 247 -15.33 1.89 11.62
N VAL C 261 -12.38 2.72 7.60
CA VAL C 261 -12.94 3.93 7.07
C VAL C 261 -14.44 3.72 7.35
N ASP C 262 -15.29 4.66 6.91
CA ASP C 262 -16.72 4.53 7.14
C ASP C 262 -17.41 3.65 6.09
N GLU C 263 -18.51 3.02 6.51
CA GLU C 263 -19.41 2.33 5.60
C GLU C 263 -20.34 3.34 4.98
N LEU C 264 -20.83 3.07 3.78
CA LEU C 264 -21.79 3.91 3.11
C LEU C 264 -23.01 3.05 2.95
N LEU C 265 -24.20 3.60 3.13
CA LEU C 265 -25.38 2.87 2.74
C LEU C 265 -26.13 3.72 1.76
N ALA C 266 -26.44 3.20 0.58
CA ALA C 266 -27.19 3.96 -0.41
C ALA C 266 -28.55 3.36 -0.65
N LEU C 267 -29.57 4.16 -0.46
CA LEU C 267 -30.90 3.66 -0.57
C LEU C 267 -31.55 4.29 -1.77
N TYR C 268 -32.14 3.47 -2.63
CA TYR C 268 -32.94 4.01 -3.73
C TYR C 268 -34.35 3.67 -3.33
N LYS C 269 -35.11 4.69 -2.91
CA LYS C 269 -36.55 4.54 -2.56
C LYS C 269 -37.50 5.24 -3.55
N PRO C 270 -38.60 4.57 -3.91
CA PRO C 270 -39.60 5.25 -4.77
C PRO C 270 -40.43 6.25 -3.98
CBC 0Y2 D . -4.43 22.61 -5.91
CBG 0Y2 D . -4.75 22.47 -7.23
CBH 0Y2 D . -5.96 23.00 -7.71
CBI 0Y2 D . -6.86 23.65 -6.84
CBJ 0Y2 D . -6.55 23.81 -5.52
CBD 0Y2 D . -5.39 23.31 -5.05
S1E 0Y2 D . -4.60 23.24 -3.49
CBF 0Y2 D . -3.27 22.44 -3.92
CBB 0Y2 D . -3.28 22.15 -5.19
CBA 0Y2 D . -2.05 21.36 -5.75
CAZ 0Y2 D . -0.67 21.58 -5.09
NAR 0Y2 D . 0.64 21.05 -5.68
CAS 0Y2 D . 0.95 19.78 -4.97
CB 0Y2 D . 2.04 19.87 -3.87
CA 0Y2 D . 1.87 19.05 -2.63
C 0Y2 D . 1.25 17.65 -3.01
OXT 0Y2 D . 0.01 17.45 -2.93
O 0Y2 D . 1.98 16.72 -3.44
N 0Y2 D . 3.09 18.92 -1.94
CAF 0Y2 D . 0.56 20.70 -7.13
CAA 0Y2 D . 0.40 21.75 -8.11
OAE 0Y2 D . 1.37 21.51 -9.16
CAB 0Y2 D . -0.93 21.66 -8.75
OAH 0Y2 D . -1.43 22.92 -8.83
CAC 0Y2 D . -0.70 21.07 -10.08
OAI 0Y2 D . -1.59 21.49 -10.99
CAD 0Y2 D . 0.69 21.55 -10.39
N9 0Y2 D . 1.43 20.83 -11.43
C8 0Y2 D . 1.40 19.50 -11.72
N7 0Y2 D . 2.23 19.21 -12.74
C5 0Y2 D . 2.82 20.37 -13.13
C4 0Y2 D . 2.32 21.43 -12.28
N3 0Y2 D . 2.74 22.73 -12.45
C2 0Y2 D . 3.64 22.99 -13.42
N1 0Y2 D . 4.14 22.02 -14.21
C6 0Y2 D . 3.76 20.72 -14.13
N6 0Y2 D . 4.29 19.70 -14.99
CBC 0Y2 E . 21.91 -6.78 3.48
CBG 0Y2 E . 22.87 -7.54 4.10
CBH 0Y2 E . 24.18 -7.11 4.08
CBI 0Y2 E . 24.55 -5.89 3.46
CBJ 0Y2 E . 23.60 -5.09 2.84
CBD 0Y2 E . 22.26 -5.48 2.82
S1E 0Y2 E . 20.69 -4.86 2.17
CBF 0Y2 E . 19.80 -6.12 2.71
CBB 0Y2 E . 20.52 -7.04 3.36
CBA 0Y2 E . 19.93 -8.34 3.98
CAZ 0Y2 E . 18.92 -9.19 3.23
NAR 0Y2 E . 19.21 -10.67 3.15
CAS 0Y2 E . 18.09 -11.41 3.82
CB 0Y2 E . 17.35 -10.79 5.03
CA 0Y2 E . 15.85 -10.69 5.00
C 0Y2 E . 15.34 -9.44 4.18
OXT 0Y2 E . 14.65 -8.57 4.73
O 0Y2 E . 15.61 -9.30 2.95
N 0Y2 E . 15.26 -11.86 4.50
CAF 0Y2 E . 19.16 -10.99 1.69
CAA 0Y2 E . 20.37 -11.40 1.00
OAE 0Y2 E . 20.03 -12.40 -0.02
CAB 0Y2 E . 21.03 -10.27 0.29
OAH 0Y2 E . 22.38 -10.26 0.57
CAC 0Y2 E . 20.85 -10.52 -1.14
OAI 0Y2 E . 21.94 -9.99 -1.76
CAD 0Y2 E . 20.71 -12.04 -1.19
N9 0Y2 E . 20.12 -12.71 -2.37
C8 0Y2 E . 19.22 -12.23 -3.26
N7 0Y2 E . 18.92 -13.16 -4.19
C5 0Y2 E . 19.63 -14.29 -3.91
C4 0Y2 E . 20.41 -14.01 -2.74
N3 0Y2 E . 21.25 -14.99 -2.23
C2 0Y2 E . 21.32 -16.21 -2.85
N1 0Y2 E . 20.61 -16.51 -3.96
C6 0Y2 E . 19.76 -15.57 -4.50
N6 0Y2 E . 19.01 -15.86 -5.68
CBC 0Y2 F . -18.16 -15.76 1.76
CBG 0Y2 F . -18.12 -16.05 0.43
CBH 0Y2 F . -17.79 -17.36 0.01
CBI 0Y2 F . -17.52 -18.40 0.94
CBJ 0Y2 F . -17.55 -18.11 2.31
CBD 0Y2 F . -17.88 -16.86 2.71
S1E 0Y2 F . -18.04 -16.08 4.28
CBF 0Y2 F . -18.42 -14.62 3.70
CBB 0Y2 F . -18.45 -14.54 2.41
CBA 0Y2 F . -18.82 -13.15 1.80
CAZ 0Y2 F . -18.33 -12.52 0.46
NAR 0Y2 F . -18.96 -11.20 -0.06
CAS 0Y2 F . -17.97 -10.14 0.25
CB 0Y2 F . -18.39 -8.67 0.21
CA 0Y2 F . -17.48 -7.78 1.01
C 0Y2 F . -15.95 -7.80 0.49
OXT 0Y2 F . -15.53 -7.36 -0.63
O 0Y2 F . -15.09 -8.31 1.26
N 0Y2 F . -18.07 -6.50 1.22
CAF 0Y2 F . -19.13 -11.15 -1.56
CAA 0Y2 F . -19.62 -12.27 -2.36
OAE 0Y2 F . -19.83 -11.74 -3.70
CAB 0Y2 F . -18.62 -13.37 -2.55
OAH 0Y2 F . -19.08 -14.52 -1.97
CAC 0Y2 F . -18.48 -13.58 -4.01
OAI 0Y2 F . -18.47 -14.89 -4.33
CAD 0Y2 F . -19.66 -12.83 -4.55
N9 0Y2 F . -19.51 -12.30 -5.88
C8 0Y2 F . -18.38 -11.76 -6.41
N7 0Y2 F . -18.64 -11.38 -7.68
C5 0Y2 F . -19.91 -11.69 -7.97
C4 0Y2 F . -20.49 -12.26 -6.81
N3 0Y2 F . -21.79 -12.69 -6.83
C2 0Y2 F . -22.53 -12.49 -7.96
N1 0Y2 F . -22.02 -11.91 -9.07
C6 0Y2 F . -20.71 -11.51 -9.12
N6 0Y2 F . -20.11 -10.89 -10.27
#